data_4GQ2
#
_entry.id   4GQ2
#
_cell.length_a   70.475
_cell.length_b   123.019
_cell.length_c   172.328
_cell.angle_alpha   90.00
_cell.angle_beta   90.00
_cell.angle_gamma   90.00
#
_symmetry.space_group_name_H-M   'P 21 21 21'
#
loop_
_entity.id
_entity.type
_entity.pdbx_description
1 polymer 'Nucleoporin nup120'
2 polymer Nup37
3 water water
#
loop_
_entity_poly.entity_id
_entity_poly.type
_entity_poly.pdbx_seq_one_letter_code
_entity_poly.pdbx_strand_id
1 'polypeptide(L)'
;RMNELKHAVVPIDLQSFCLEGTLALWVPALENDSEDDSEAIETADDNEKLFKKECVAYDAGVYTSNKSKGSQTLRWSIFQ
NRTLTIFDVSLNSKKEPLSKFNVKIHFPSNVMKDGVAFSFSEHSDTTIIYAITHARVLYYIRLSKTWFQLPDARLDDDWC
LCYRPISFLNQKPDLMAAISTSEICVSFFNGGLTKIILNPKDASHYEQHIDDSSYLFSLKKYLSLQAFKADYRSPNTIIS
MIFLSTYNVLVMLSLDYKLKVLDLSTNQCVETIELSQTILPLQSFPYLTSDHTTNSFIALYYPDNSHGSFSIYKLNANAH
SFKLNVVIEKGIIPPSLPDDEFIPWMLSDFQLISSEGSQSKFLLIIAWKSNLNTVIQKCNLSLDQDESFSCVWSHSLDSF
SLIEKTFFDVPTNMSSGDISEIWLQHIFAHNTSIESIQVALLSFQNSSSQVSKNKLDKFGALTISELKNAVLSSIVSTIQ
IEPNSDLTGYDYYEYKRLLYNEWERFAKLVAYLDHFGDEILSINFDPSNAVTYINYANKVAFIRDPYLIESFDEEPLTKL
ISSLETDDPSLIEGYQILDLGRSLHSCMSFSTLSEIRYSLRELVQDLPSYSLFDTLWVFYDKHIYPNVDPDYISTLIDTL
VSLENPMRDIDSLIQRLRSFDIYNHSAQSPSLFLCASVARVLDSILKKFQVSIEGFIFLLSLITSQQDYELQSKFAGCDK
LFLSLLEDWRLVSFLLENSALLLEKFEEEDVDSTNCNLNTMEALASVNTALQFFSALNYSECFSESQISPLHATVISSLS
AIFIRDDTENDLVTELVEKLFLFKQYNACMQLIGWLNSDPIAVYLKALIYLKSKEAVKAVRCFKTTSLVLYSHTSQFAVL
REFQEIAEKYHHQNLLSCYYLHLSKKLFEESAYIDALEFSLLADASKETDDEDLSIAITHETLKTACAAG
;
M
2 'polypeptide(L)'
;GSMTLSSNQYQLPLNVRPYTTTWCSQSPSCSNLLAIGHDTGITIYCASEEQTPGSTGLTLQELFTIQTGLPTLHLSFSSS
CSYSENLHDGDGNVNSSPVYSLFLACVCQDNTVRLIITKNETIITQHVLGGKSGHHNFVNDIDIADVYSADNRLAEQVIA
SVGDDCTLIIWRLTDEGPILAGYPLSSPGISVQFRPSNPNQLIVGERNGNIRIFDWTLNLSAEENSQTELVKNPWLLTLN
TLPLVNTCHSSGIASSLANVRWIGSDGSGILAMCKSGAWLRWNLFANNDYNEISDSTMKLGPKNLLPNVQGISLFPSLLG
ACPHPRYMDYFATAHSQHGLIQLINTYEKDSNSIPIQLGMPIVDFCWHQDGSHLAIATEGSVLLTRLMGFTRL
;
P
#
# COMPACT_ATOMS: atom_id res chain seq x y z
N ARG A 1 2.26 22.84 31.38
CA ARG A 1 1.83 22.47 29.99
C ARG A 1 2.98 22.62 29.00
N MET A 2 3.21 21.59 28.19
CA MET A 2 4.22 21.61 27.14
C MET A 2 3.75 20.86 25.90
N ASN A 3 3.47 21.61 24.83
CA ASN A 3 3.02 21.04 23.55
C ASN A 3 3.96 19.97 23.00
N GLU A 4 3.38 19.00 22.29
CA GLU A 4 4.15 17.93 21.69
C GLU A 4 4.45 18.22 20.22
N LEU A 5 5.66 17.89 19.79
CA LEU A 5 6.05 17.97 18.38
C LEU A 5 6.12 16.57 17.79
N LYS A 6 5.57 16.43 16.59
CA LYS A 6 5.68 15.17 15.85
C LYS A 6 6.40 15.42 14.54
N HIS A 7 6.85 14.35 13.91
CA HIS A 7 7.48 14.48 12.61
C HIS A 7 6.94 13.54 11.58
N ALA A 8 7.09 13.93 10.33
CA ALA A 8 6.79 13.06 9.20
C ALA A 8 8.13 12.59 8.64
N VAL A 9 8.31 11.27 8.58
CA VAL A 9 9.56 10.66 8.17
C VAL A 9 9.46 10.10 6.76
N VAL A 10 10.46 10.41 5.92
CA VAL A 10 10.55 9.81 4.59
C VAL A 10 11.95 9.20 4.41
N PRO A 11 12.03 7.89 4.15
CA PRO A 11 13.31 7.28 3.89
C PRO A 11 13.91 7.86 2.63
N ILE A 12 15.23 8.00 2.59
CA ILE A 12 15.91 8.52 1.42
C ILE A 12 16.34 7.34 0.55
N ASP A 13 15.38 6.81 -0.19
CA ASP A 13 15.62 5.78 -1.17
C ASP A 13 14.77 6.09 -2.40
N LEU A 14 15.09 5.45 -3.52
CA LEU A 14 14.42 5.71 -4.79
C LEU A 14 12.92 5.49 -4.71
N GLN A 15 12.52 4.38 -4.09
CA GLN A 15 11.13 3.98 -3.96
C GLN A 15 10.27 5.02 -3.24
N SER A 16 10.76 5.53 -2.11
CA SER A 16 9.97 6.46 -1.28
C SER A 16 9.79 7.82 -1.93
N PHE A 17 10.72 8.17 -2.82
CA PHE A 17 10.66 9.44 -3.55
C PHE A 17 10.01 9.29 -4.93
N CYS A 18 9.49 8.10 -5.25
CA CYS A 18 8.91 7.82 -6.57
C CYS A 18 9.88 8.13 -7.72
N LEU A 19 11.14 7.75 -7.55
CA LEU A 19 12.15 8.02 -8.55
C LEU A 19 12.28 6.86 -9.53
N GLU A 20 12.64 7.18 -10.77
CA GLU A 20 12.87 6.18 -11.80
C GLU A 20 14.33 5.70 -11.85
N GLY A 21 15.25 6.55 -11.39
CA GLY A 21 16.66 6.16 -11.33
C GLY A 21 17.61 7.20 -10.76
N THR A 22 18.90 6.95 -10.96
CA THR A 22 19.97 7.74 -10.39
C THR A 22 20.94 8.13 -11.50
N LEU A 23 21.26 9.42 -11.59
CA LEU A 23 22.37 9.82 -12.44
C LEU A 23 23.65 9.61 -11.66
N ALA A 24 24.48 8.69 -12.13
CA ALA A 24 25.75 8.38 -11.49
C ALA A 24 26.86 9.20 -12.16
N LEU A 25 27.62 9.93 -11.36
CA LEU A 25 28.73 10.73 -11.86
C LEU A 25 30.03 10.43 -11.14
N TRP A 26 31.14 10.57 -11.85
CA TRP A 26 32.48 10.45 -11.30
C TRP A 26 33.24 11.72 -11.54
N VAL A 27 33.80 12.29 -10.48
CA VAL A 27 34.66 13.48 -10.60
C VAL A 27 35.94 13.08 -11.36
N PRO A 28 36.50 14.00 -12.17
CA PRO A 28 37.75 13.71 -12.89
C PRO A 28 38.86 13.25 -11.96
N ALA A 29 39.58 12.19 -12.36
CA ALA A 29 40.65 11.62 -11.56
C ALA A 29 41.93 12.48 -11.56
N LEU A 30 42.58 12.56 -10.41
CA LEU A 30 43.85 13.27 -10.27
C LEU A 30 44.97 12.36 -9.76
N GLU A 31 46.19 12.89 -9.66
CA GLU A 31 47.36 12.05 -9.41
C GLU A 31 47.48 11.54 -7.98
N ASN A 32 47.43 12.44 -7.01
CA ASN A 32 47.38 12.06 -5.60
C ASN A 32 45.94 12.20 -5.09
N ASP A 33 45.13 11.23 -5.49
CA ASP A 33 43.67 11.32 -5.42
C ASP A 33 42.98 11.56 -4.08
N SER A 34 43.28 10.79 -3.03
CA SER A 34 44.15 9.62 -3.08
C SER A 34 43.35 8.41 -2.61
N GLU A 35 43.13 8.32 -1.30
CA GLU A 35 42.31 7.27 -0.69
C GLU A 35 41.44 7.82 0.47
N ASP A 45 28.44 -8.00 12.14
CA ASP A 45 29.73 -8.04 11.45
C ASP A 45 29.65 -7.47 10.03
N ASP A 46 30.13 -8.22 9.04
CA ASP A 46 30.30 -7.73 7.68
C ASP A 46 29.06 -7.13 7.02
N ASN A 47 27.91 -7.79 7.13
CA ASN A 47 26.68 -7.25 6.54
C ASN A 47 26.25 -5.93 7.19
N GLU A 48 26.41 -5.84 8.51
CA GLU A 48 26.17 -4.61 9.26
C GLU A 48 27.14 -3.48 8.83
N LYS A 49 28.40 -3.84 8.62
CA LYS A 49 29.42 -2.88 8.16
C LYS A 49 29.19 -2.45 6.73
N LEU A 50 28.63 -3.36 5.93
CA LEU A 50 28.26 -3.09 4.55
C LEU A 50 27.15 -2.02 4.52
N PHE A 51 26.12 -2.23 5.34
CA PHE A 51 25.02 -1.30 5.45
C PHE A 51 25.52 0.07 5.86
N LYS A 52 26.29 0.10 6.96
CA LYS A 52 26.88 1.34 7.49
C LYS A 52 27.75 2.07 6.49
N LYS A 53 28.56 1.31 5.75
CA LYS A 53 29.48 1.92 4.80
C LYS A 53 28.72 2.54 3.64
N GLU A 54 27.68 1.85 3.18
CA GLU A 54 26.98 2.22 1.94
C GLU A 54 25.73 3.09 2.13
N CYS A 55 25.09 3.03 3.29
CA CYS A 55 23.72 3.55 3.44
C CYS A 55 23.50 4.47 4.63
N VAL A 56 24.48 4.57 5.52
CA VAL A 56 24.33 5.38 6.72
C VAL A 56 25.25 6.57 6.58
N ALA A 57 24.68 7.72 6.24
CA ALA A 57 25.42 8.95 6.05
C ALA A 57 26.06 9.38 7.36
N TYR A 58 27.23 10.04 7.27
CA TYR A 58 27.88 10.60 8.47
C TYR A 58 27.79 12.13 8.51
N ASP A 59 27.24 12.71 7.44
CA ASP A 59 26.88 14.13 7.41
C ASP A 59 25.79 14.36 6.38
N ALA A 60 25.00 15.40 6.57
CA ALA A 60 23.85 15.68 5.71
C ALA A 60 23.28 17.06 5.98
N GLY A 61 22.58 17.60 4.99
CA GLY A 61 21.88 18.87 5.13
C GLY A 61 20.98 19.12 3.93
N VAL A 62 20.15 20.16 4.02
CA VAL A 62 19.37 20.57 2.87
C VAL A 62 19.60 22.06 2.60
N TYR A 63 19.81 22.38 1.34
CA TYR A 63 20.07 23.73 0.89
C TYR A 63 18.92 24.22 0.02
N THR A 64 18.50 25.45 0.26
CA THR A 64 17.44 26.06 -0.55
C THR A 64 17.95 27.23 -1.41
N SER A 65 17.76 27.13 -2.72
CA SER A 65 18.12 28.19 -3.67
C SER A 65 16.98 29.21 -3.71
N ASN A 66 16.91 30.01 -2.66
CA ASN A 66 15.70 30.80 -2.33
C ASN A 66 15.26 31.88 -3.33
N LYS A 67 16.04 32.11 -4.39
CA LYS A 67 15.74 33.20 -5.32
C LYS A 67 15.26 32.78 -6.71
N SER A 68 15.34 31.48 -7.02
CA SER A 68 14.88 30.95 -8.32
C SER A 68 13.35 31.01 -8.48
N LYS A 69 12.84 30.46 -9.58
CA LYS A 69 11.41 30.56 -9.91
C LYS A 69 10.70 29.19 -10.07
N GLY A 70 10.34 28.54 -8.97
CA GLY A 70 10.65 28.97 -7.60
C GLY A 70 11.86 28.23 -7.05
N SER A 71 11.97 28.19 -5.73
CA SER A 71 13.14 27.60 -5.06
C SER A 71 13.26 26.09 -5.24
N GLN A 72 14.49 25.64 -5.50
CA GLN A 72 14.78 24.22 -5.40
C GLN A 72 15.37 23.94 -4.02
N THR A 73 14.90 22.85 -3.39
CA THR A 73 15.35 22.47 -2.06
C THR A 73 15.98 21.08 -2.16
N LEU A 74 17.27 21.02 -1.89
CA LEU A 74 18.06 19.83 -2.16
C LEU A 74 18.64 19.22 -0.90
N ARG A 75 18.51 17.90 -0.79
CA ARG A 75 19.05 17.19 0.34
C ARG A 75 20.28 16.38 -0.06
N TRP A 76 21.41 16.72 0.54
CA TRP A 76 22.67 16.03 0.28
C TRP A 76 23.02 15.15 1.42
N SER A 77 23.68 14.03 1.11
CA SER A 77 24.17 13.13 2.13
C SER A 77 25.52 12.60 1.65
N ILE A 78 26.39 12.26 2.60
CA ILE A 78 27.69 11.69 2.27
C ILE A 78 27.93 10.38 3.02
N PHE A 79 28.54 9.42 2.33
CA PHE A 79 28.68 8.05 2.82
C PHE A 79 30.13 7.55 2.76
N GLN A 80 30.44 6.54 3.57
CA GLN A 80 31.79 6.00 3.61
C GLN A 80 32.15 5.12 2.41
N ASN A 81 31.28 5.10 1.40
CA ASN A 81 31.60 4.47 0.13
C ASN A 81 32.05 5.50 -0.91
N ARG A 82 32.55 6.65 -0.42
CA ARG A 82 33.07 7.74 -1.25
C ARG A 82 32.03 8.30 -2.21
N THR A 83 30.82 8.51 -1.70
CA THR A 83 29.73 9.07 -2.49
C THR A 83 29.09 10.29 -1.84
N LEU A 84 28.51 11.13 -2.68
CA LEU A 84 27.60 12.20 -2.25
C LEU A 84 26.33 12.08 -3.09
N THR A 85 25.19 11.90 -2.41
CA THR A 85 23.90 11.78 -3.10
C THR A 85 23.08 13.04 -2.91
N ILE A 86 22.33 13.40 -3.95
CA ILE A 86 21.46 14.57 -3.89
C ILE A 86 20.03 14.21 -4.28
N PHE A 87 19.10 14.48 -3.37
CA PHE A 87 17.68 14.27 -3.61
C PHE A 87 16.92 15.60 -3.57
N ASP A 88 16.06 15.83 -4.55
CA ASP A 88 15.18 16.99 -4.54
C ASP A 88 14.07 16.79 -3.50
N VAL A 89 13.99 17.68 -2.53
CA VAL A 89 13.01 17.55 -1.46
C VAL A 89 12.06 18.75 -1.41
N SER A 90 11.94 19.44 -2.55
CA SER A 90 11.09 20.62 -2.67
C SER A 90 9.63 20.29 -2.34
N LEU A 91 9.01 21.14 -1.52
CA LEU A 91 7.61 20.99 -1.14
C LEU A 91 6.68 21.86 -1.97
N ASN A 92 7.21 22.99 -2.43
CA ASN A 92 6.44 23.93 -3.27
C ASN A 92 6.28 23.42 -4.69
N SER A 93 5.22 23.88 -5.35
CA SER A 93 5.02 23.56 -6.76
C SER A 93 5.91 24.46 -7.62
N LYS A 94 6.45 23.89 -8.70
CA LYS A 94 7.23 24.68 -9.65
C LYS A 94 6.54 24.80 -11.01
N LYS A 95 7.15 25.59 -11.88
CA LYS A 95 6.76 25.65 -13.28
C LYS A 95 7.57 24.62 -14.07
N GLU A 96 8.02 23.56 -13.38
CA GLU A 96 9.06 22.69 -13.92
C GLU A 96 8.66 21.21 -14.00
N PRO A 97 9.35 20.42 -14.86
CA PRO A 97 9.11 18.98 -14.91
C PRO A 97 9.47 18.33 -13.58
N LEU A 98 8.78 17.24 -13.25
CA LEU A 98 8.99 16.55 -11.98
C LEU A 98 10.40 16.01 -11.83
N SER A 99 10.87 15.99 -10.58
CA SER A 99 12.14 15.34 -10.25
C SER A 99 11.92 13.84 -10.17
N LYS A 100 12.33 13.13 -11.22
CA LYS A 100 12.16 11.69 -11.29
C LYS A 100 13.48 10.97 -11.07
N PHE A 101 14.52 11.74 -10.80
CA PHE A 101 15.87 11.18 -10.63
C PHE A 101 16.59 11.88 -9.51
N ASN A 102 17.46 11.13 -8.84
CA ASN A 102 18.45 11.71 -7.93
C ASN A 102 19.83 11.62 -8.58
N VAL A 103 20.82 12.23 -7.95
CA VAL A 103 22.19 12.11 -8.45
C VAL A 103 23.11 11.53 -7.39
N LYS A 104 24.02 10.67 -7.85
CA LYS A 104 25.05 10.08 -7.01
C LYS A 104 26.42 10.40 -7.60
N ILE A 105 27.22 11.10 -6.82
CA ILE A 105 28.54 11.57 -7.24
C ILE A 105 29.60 10.76 -6.51
N HIS A 106 30.49 10.13 -7.26
CA HIS A 106 31.57 9.34 -6.69
C HIS A 106 32.84 10.13 -6.66
N PHE A 107 33.61 9.91 -5.58
CA PHE A 107 34.85 10.59 -5.33
C PHE A 107 35.97 9.57 -5.14
N PRO A 108 37.24 9.97 -5.38
CA PRO A 108 38.38 9.08 -5.17
C PRO A 108 38.73 8.96 -3.69
N SER A 109 38.22 9.90 -2.90
CA SER A 109 38.39 9.91 -1.44
C SER A 109 37.12 10.42 -0.78
N ASN A 110 36.88 10.00 0.48
CA ASN A 110 35.69 10.39 1.23
C ASN A 110 35.57 11.91 1.42
N VAL A 111 34.40 12.46 1.09
CA VAL A 111 34.11 13.84 1.42
C VAL A 111 34.21 13.98 2.94
N MET A 112 34.87 15.04 3.41
CA MET A 112 35.02 15.25 4.84
C MET A 112 33.75 15.79 5.46
N LYS A 113 33.56 15.47 6.73
CA LYS A 113 32.48 16.02 7.53
C LYS A 113 32.58 17.55 7.49
N ASP A 114 31.43 18.20 7.34
CA ASP A 114 31.38 19.66 7.15
C ASP A 114 32.09 20.07 5.86
N GLY A 115 32.26 19.11 4.97
CA GLY A 115 32.98 19.32 3.71
C GLY A 115 32.12 19.55 2.49
N VAL A 116 30.86 19.94 2.69
CA VAL A 116 29.95 20.22 1.58
C VAL A 116 29.32 21.60 1.79
N ALA A 117 29.43 22.46 0.79
CA ALA A 117 28.90 23.81 0.88
C ALA A 117 28.24 24.17 -0.44
N PHE A 118 27.14 24.90 -0.35
CA PHE A 118 26.33 25.25 -1.52
C PHE A 118 26.31 26.75 -1.78
N SER A 119 26.15 27.11 -3.05
CA SER A 119 25.92 28.50 -3.44
C SER A 119 25.11 28.55 -4.72
N PHE A 120 24.37 29.65 -4.91
CA PHE A 120 23.48 29.80 -6.05
C PHE A 120 23.73 31.10 -6.82
N SER A 121 23.88 30.99 -8.14
CA SER A 121 24.06 32.12 -9.05
C SER A 121 22.74 32.57 -9.65
N GLU A 122 22.46 33.87 -9.56
CA GLU A 122 21.24 34.44 -10.13
C GLU A 122 21.22 34.29 -11.66
N HIS A 123 22.21 34.89 -12.32
CA HIS A 123 22.41 34.67 -13.75
C HIS A 123 22.80 33.24 -13.98
N SER A 124 22.37 32.68 -15.11
CA SER A 124 22.57 31.27 -15.47
C SER A 124 21.80 30.25 -14.61
N ASP A 125 21.11 30.74 -13.58
CA ASP A 125 20.18 29.95 -12.77
C ASP A 125 20.71 28.55 -12.41
N THR A 126 21.93 28.51 -11.87
CA THR A 126 22.59 27.24 -11.54
C THR A 126 23.07 27.18 -10.08
N THR A 127 23.00 25.99 -9.51
CA THR A 127 23.44 25.74 -8.14
C THR A 127 24.84 25.13 -8.15
N ILE A 128 25.67 25.58 -7.21
CA ILE A 128 27.06 25.17 -7.09
C ILE A 128 27.29 24.37 -5.81
N ILE A 129 28.07 23.30 -5.90
CA ILE A 129 28.54 22.60 -4.70
C ILE A 129 30.06 22.66 -4.57
N TYR A 130 30.54 23.14 -3.42
CA TYR A 130 31.92 23.00 -3.01
C TYR A 130 32.04 21.75 -2.13
N ALA A 131 32.99 20.87 -2.48
CA ALA A 131 33.25 19.66 -1.71
C ALA A 131 34.74 19.43 -1.51
N ILE A 132 35.12 19.09 -0.28
CA ILE A 132 36.50 18.78 0.07
C ILE A 132 36.56 17.37 0.62
N THR A 133 37.49 16.58 0.09
CA THR A 133 37.63 15.20 0.47
C THR A 133 38.76 15.07 1.51
N HIS A 134 38.89 13.87 2.09
CA HIS A 134 39.93 13.59 3.07
C HIS A 134 41.31 13.69 2.45
N ALA A 135 41.37 13.57 1.13
CA ALA A 135 42.62 13.70 0.37
C ALA A 135 42.96 15.16 0.12
N ARG A 136 42.03 16.05 0.46
CA ARG A 136 42.22 17.50 0.44
C ARG A 136 42.16 18.14 -0.93
N VAL A 137 41.43 17.50 -1.85
CA VAL A 137 41.08 18.10 -3.14
C VAL A 137 39.78 18.90 -3.00
N LEU A 138 39.76 20.11 -3.54
CA LEU A 138 38.55 20.93 -3.55
C LEU A 138 37.84 20.78 -4.90
N TYR A 139 36.57 20.40 -4.83
CA TYR A 139 35.79 20.19 -6.05
C TYR A 139 34.73 21.25 -6.20
N TYR A 140 34.58 21.74 -7.42
CA TYR A 140 33.63 22.79 -7.72
C TYR A 140 32.62 22.25 -8.73
N ILE A 141 31.46 21.84 -8.21
CA ILE A 141 30.46 21.11 -9.00
C ILE A 141 29.26 21.97 -9.36
N ARG A 142 28.99 22.09 -10.65
CA ARG A 142 27.82 22.82 -11.16
C ARG A 142 26.65 21.88 -11.39
N LEU A 143 25.52 22.17 -10.74
CA LEU A 143 24.34 21.33 -10.85
C LEU A 143 23.44 21.77 -11.98
N SER A 144 23.04 20.82 -12.80
CA SER A 144 21.99 21.06 -13.78
C SER A 144 20.67 20.50 -13.25
N LYS A 145 19.62 21.32 -13.32
CA LYS A 145 18.26 20.89 -12.99
C LYS A 145 17.82 19.69 -13.84
N THR A 146 18.34 19.62 -15.06
CA THR A 146 18.08 18.51 -15.99
C THR A 146 18.39 17.15 -15.39
N TRP A 147 19.41 17.10 -14.53
CA TRP A 147 19.89 15.84 -13.97
C TRP A 147 18.81 15.16 -13.16
N PHE A 148 17.95 15.98 -12.56
CA PHE A 148 16.88 15.47 -11.73
C PHE A 148 15.66 15.09 -12.56
N GLN A 149 15.60 15.58 -13.79
CA GLN A 149 14.37 15.50 -14.58
C GLN A 149 14.38 14.49 -15.70
N LEU A 150 15.51 14.36 -16.38
CA LEU A 150 15.56 13.55 -17.60
C LEU A 150 16.53 12.38 -17.46
N PRO A 151 16.15 11.20 -17.99
CA PRO A 151 16.99 10.00 -17.92
C PRO A 151 18.29 10.16 -18.73
N ASP A 152 19.37 9.55 -18.24
CA ASP A 152 20.70 9.64 -18.87
C ASP A 152 21.04 11.05 -19.39
N ALA A 153 20.88 12.04 -18.52
CA ALA A 153 21.00 13.46 -18.89
C ALA A 153 22.38 13.83 -19.44
N ARG A 154 22.43 14.87 -20.27
CA ARG A 154 23.67 15.36 -20.85
C ARG A 154 24.56 16.09 -19.85
N LEU A 155 25.84 15.73 -19.85
CA LEU A 155 26.86 16.37 -19.02
C LEU A 155 27.62 17.43 -19.80
N ASP A 156 27.55 18.66 -19.31
CA ASP A 156 28.45 19.71 -19.78
C ASP A 156 29.86 19.33 -19.36
N ASP A 157 30.83 19.64 -20.22
CA ASP A 157 32.24 19.29 -19.95
C ASP A 157 32.77 19.91 -18.67
N ASP A 158 32.26 21.11 -18.35
CA ASP A 158 32.75 21.90 -17.23
C ASP A 158 31.98 21.68 -15.91
N TRP A 159 31.27 20.56 -15.80
CA TRP A 159 30.39 20.32 -14.64
C TRP A 159 31.16 20.17 -13.35
N CYS A 160 32.34 19.55 -13.44
CA CYS A 160 33.24 19.44 -12.30
C CYS A 160 34.63 19.99 -12.56
N LEU A 161 35.02 20.98 -11.75
CA LEU A 161 36.37 21.54 -11.76
C LEU A 161 37.08 21.10 -10.48
N CYS A 162 38.35 20.71 -10.62
CA CYS A 162 39.14 20.26 -9.48
C CYS A 162 40.27 21.22 -9.14
N TYR A 163 40.40 21.51 -7.85
CA TYR A 163 41.42 22.43 -7.36
C TYR A 163 42.22 21.80 -6.24
N ARG A 164 43.53 22.08 -6.23
CA ARG A 164 44.41 21.66 -5.15
C ARG A 164 45.05 22.89 -4.50
N PRO A 165 44.34 23.51 -3.53
CA PRO A 165 44.82 24.74 -2.91
C PRO A 165 46.11 24.50 -2.15
N ILE A 166 47.03 25.45 -2.23
CA ILE A 166 48.36 25.31 -1.66
C ILE A 166 48.32 25.20 -0.14
N SER A 167 47.46 26.00 0.49
CA SER A 167 47.29 25.97 1.94
C SER A 167 46.86 24.59 2.50
N PHE A 168 46.30 23.74 1.64
CA PHE A 168 45.86 22.40 2.04
C PHE A 168 47.02 21.42 2.18
N LEU A 169 48.19 21.80 1.69
CA LEU A 169 49.35 20.90 1.72
C LEU A 169 49.86 20.69 3.15
N ASN A 170 49.86 21.74 3.94
CA ASN A 170 50.45 21.72 5.28
C ASN A 170 49.42 21.79 6.39
N GLN A 171 48.25 22.32 6.05
CA GLN A 171 47.20 22.57 7.02
C GLN A 171 45.97 21.72 6.69
N LYS A 172 45.26 21.26 7.73
CA LYS A 172 44.10 20.39 7.55
C LYS A 172 42.78 21.17 7.52
N PRO A 173 42.08 21.18 6.36
CA PRO A 173 40.82 21.90 6.23
C PRO A 173 39.78 21.31 7.18
N ASP A 174 39.00 22.18 7.82
CA ASP A 174 38.12 21.75 8.89
C ASP A 174 36.67 22.22 8.69
N LEU A 175 36.48 23.53 8.50
CA LEU A 175 35.15 24.06 8.29
C LEU A 175 35.11 24.93 7.03
N MET A 176 33.95 24.97 6.38
CA MET A 176 33.76 25.77 5.17
C MET A 176 32.60 26.74 5.33
N ALA A 177 32.66 27.84 4.58
CA ALA A 177 31.52 28.71 4.39
C ALA A 177 31.61 29.37 3.02
N ALA A 178 30.76 28.93 2.11
CA ALA A 178 30.62 29.53 0.79
C ALA A 178 30.31 31.01 0.94
N ILE A 179 31.06 31.84 0.20
CA ILE A 179 30.83 33.28 0.22
C ILE A 179 29.99 33.68 -0.98
N SER A 180 30.19 32.95 -2.08
CA SER A 180 29.56 33.22 -3.36
C SER A 180 29.79 32.03 -4.29
N THR A 181 29.40 32.20 -5.56
CA THR A 181 29.60 31.17 -6.57
C THR A 181 31.05 31.06 -7.02
N SER A 182 31.92 31.90 -6.49
CA SER A 182 33.34 31.85 -6.85
C SER A 182 34.26 31.98 -5.65
N GLU A 183 33.69 32.30 -4.49
CA GLU A 183 34.48 32.50 -3.28
C GLU A 183 34.03 31.61 -2.13
N ILE A 184 35.00 31.02 -1.44
CA ILE A 184 34.74 30.21 -0.25
C ILE A 184 35.84 30.42 0.80
N CYS A 185 35.45 30.38 2.07
CA CYS A 185 36.40 30.38 3.16
C CYS A 185 36.53 29.00 3.78
N VAL A 186 37.76 28.64 4.11
CA VAL A 186 38.08 27.35 4.70
C VAL A 186 38.99 27.57 5.90
N SER A 187 38.56 27.12 7.07
CA SER A 187 39.37 27.22 8.28
C SER A 187 40.09 25.91 8.53
N PHE A 188 41.18 25.98 9.28
CA PHE A 188 42.04 24.82 9.48
C PHE A 188 42.00 24.29 10.90
N PHE A 189 42.17 22.98 11.04
CA PHE A 189 42.01 22.29 12.30
C PHE A 189 42.91 22.81 13.41
N ASN A 190 44.17 23.10 13.06
CA ASN A 190 45.16 23.56 14.05
C ASN A 190 45.25 25.09 14.13
N GLY A 191 44.36 25.78 13.43
CA GLY A 191 44.32 27.24 13.43
C GLY A 191 44.53 27.83 12.05
N GLY A 192 43.94 29.00 11.82
CA GLY A 192 44.08 29.68 10.53
C GLY A 192 42.84 29.66 9.65
N LEU A 193 42.85 30.51 8.62
CA LEU A 193 41.69 30.72 7.77
C LEU A 193 42.10 31.25 6.40
N THR A 194 41.66 30.57 5.35
CA THR A 194 41.97 30.97 3.98
C THR A 194 40.70 31.37 3.21
N LYS A 195 40.87 32.28 2.24
CA LYS A 195 39.81 32.54 1.29
C LYS A 195 40.27 32.06 -0.08
N ILE A 196 39.65 31.01 -0.57
CA ILE A 196 39.92 30.49 -1.90
C ILE A 196 39.02 31.21 -2.91
N ILE A 197 39.64 31.88 -3.88
CA ILE A 197 38.90 32.60 -4.92
C ILE A 197 39.17 31.97 -6.28
N LEU A 198 38.09 31.55 -6.94
CA LEU A 198 38.19 30.81 -8.19
C LEU A 198 37.78 31.65 -9.39
N ASN A 199 38.40 31.36 -10.52
CA ASN A 199 37.98 31.91 -11.80
C ASN A 199 37.46 30.73 -12.60
N PRO A 200 36.13 30.49 -12.53
CA PRO A 200 35.53 29.30 -13.13
C PRO A 200 35.74 29.22 -14.65
N LYS A 201 36.06 30.36 -15.26
CA LYS A 201 36.23 30.46 -16.72
C LYS A 201 37.65 30.20 -17.24
N ASP A 202 38.53 29.65 -16.39
CA ASP A 202 39.84 29.18 -16.85
C ASP A 202 40.45 28.07 -15.96
N ALA A 203 39.68 27.62 -14.98
CA ALA A 203 40.06 26.52 -14.07
C ALA A 203 41.24 26.82 -13.15
N SER A 204 41.54 28.10 -12.96
CA SER A 204 42.61 28.54 -12.07
C SER A 204 42.06 29.24 -10.82
N HIS A 205 42.89 29.34 -9.79
CA HIS A 205 42.50 29.98 -8.54
C HIS A 205 43.65 30.65 -7.84
N TYR A 206 43.32 31.51 -6.87
CA TYR A 206 44.29 32.00 -5.90
C TYR A 206 43.68 32.07 -4.50
N GLU A 207 44.53 32.24 -3.49
CA GLU A 207 44.09 32.31 -2.09
C GLU A 207 44.31 33.70 -1.50
N GLN A 208 43.69 33.94 -0.34
CA GLN A 208 44.00 35.10 0.47
C GLN A 208 44.18 34.66 1.93
N HIS A 209 45.36 34.93 2.47
CA HIS A 209 45.70 34.64 3.85
C HIS A 209 44.97 35.62 4.73
N ILE A 210 44.14 35.12 5.64
CA ILE A 210 43.41 35.99 6.56
C ILE A 210 44.05 35.94 7.94
N ASP A 211 44.36 37.13 8.48
CA ASP A 211 45.22 37.27 9.64
C ASP A 211 44.52 37.33 10.99
N ASP A 212 43.19 37.16 10.98
CA ASP A 212 42.37 37.25 12.19
C ASP A 212 42.72 38.49 13.02
N SER A 213 42.71 39.65 12.36
CA SER A 213 43.23 40.90 12.94
C SER A 213 42.30 41.54 13.98
N SER A 214 42.09 40.83 15.08
CA SER A 214 41.29 41.33 16.20
C SER A 214 42.17 42.18 17.12
N TYR A 215 42.37 43.44 16.73
CA TYR A 215 43.21 44.39 17.46
C TYR A 215 42.83 44.53 18.94
N LEU A 216 41.55 44.80 19.19
CA LEU A 216 41.00 44.89 20.53
C LEU A 216 39.76 44.02 20.65
N PHE A 217 39.45 43.60 21.88
CA PHE A 217 38.17 42.95 22.16
C PHE A 217 37.40 43.62 23.28
N SER A 218 36.08 43.74 23.09
CA SER A 218 35.20 44.29 24.10
C SER A 218 34.77 43.24 25.13
N LEU A 219 34.23 43.73 26.25
CA LEU A 219 33.88 42.90 27.41
C LEU A 219 32.85 43.63 28.29
N LYS A 220 32.18 42.87 29.17
CA LYS A 220 31.19 43.38 30.12
C LYS A 220 30.08 44.18 29.44
N PHE A 228 53.58 23.30 21.67
CA PHE A 228 54.79 22.51 21.91
C PHE A 228 54.87 21.28 21.00
N LYS A 229 53.75 20.56 20.86
CA LYS A 229 53.67 19.39 19.99
C LYS A 229 53.38 19.77 18.53
N ALA A 230 53.65 18.84 17.61
CA ALA A 230 53.31 19.02 16.19
C ALA A 230 51.79 18.96 15.98
N ASP A 231 51.13 18.17 16.81
CA ASP A 231 49.67 18.12 16.89
C ASP A 231 49.23 19.07 18.02
N TYR A 232 48.71 20.23 17.62
CA TYR A 232 48.43 21.31 18.57
C TYR A 232 47.53 22.40 17.97
N ARG A 233 46.65 22.96 18.79
CA ARG A 233 45.64 23.91 18.31
C ARG A 233 45.78 25.31 18.92
N SER A 234 45.85 26.32 18.05
CA SER A 234 46.01 27.71 18.48
C SER A 234 44.70 28.32 19.00
N PRO A 235 44.78 29.31 19.91
CA PRO A 235 43.55 29.86 20.48
C PRO A 235 42.63 30.55 19.47
N ASN A 236 43.18 30.98 18.33
CA ASN A 236 42.37 31.61 17.29
C ASN A 236 41.72 30.62 16.30
N THR A 237 41.98 29.32 16.48
CA THR A 237 41.38 28.25 15.68
C THR A 237 39.86 28.42 15.63
N ILE A 238 39.31 28.43 14.42
CA ILE A 238 37.87 28.59 14.22
C ILE A 238 37.17 27.30 14.59
N ILE A 239 36.21 27.40 15.51
CA ILE A 239 35.43 26.23 15.93
C ILE A 239 33.98 26.31 15.46
N SER A 240 33.62 27.44 14.84
CA SER A 240 32.29 27.66 14.27
C SER A 240 32.29 28.97 13.50
N MET A 241 31.82 28.94 12.25
CA MET A 241 31.71 30.17 11.45
C MET A 241 30.51 30.17 10.51
N ILE A 242 29.91 31.36 10.35
CA ILE A 242 28.76 31.56 9.47
C ILE A 242 28.87 32.83 8.63
N PHE A 243 28.40 32.74 7.39
CA PHE A 243 28.41 33.84 6.45
C PHE A 243 27.05 34.54 6.45
N LEU A 244 27.08 35.88 6.48
CA LEU A 244 25.85 36.69 6.49
C LEU A 244 25.82 37.62 5.28
N SER A 245 24.63 38.11 4.97
CA SER A 245 24.42 39.14 3.92
C SER A 245 23.06 39.84 4.15
N THR A 246 22.87 41.05 3.61
CA THR A 246 23.79 41.72 2.71
C THR A 246 24.84 42.55 3.46
N TYR A 247 25.31 42.01 4.58
CA TYR A 247 26.57 42.43 5.17
C TYR A 247 27.61 41.48 4.62
N ASN A 248 28.59 41.99 3.88
CA ASN A 248 29.68 41.14 3.40
C ASN A 248 30.55 40.73 4.61
N VAL A 249 29.97 39.87 5.45
CA VAL A 249 30.46 39.63 6.80
C VAL A 249 30.52 38.15 7.16
N LEU A 250 31.58 37.79 7.88
CA LEU A 250 31.76 36.45 8.42
C LEU A 250 31.72 36.55 9.95
N VAL A 251 30.93 35.68 10.58
CA VAL A 251 30.90 35.61 12.05
C VAL A 251 31.55 34.31 12.49
N MET A 252 32.56 34.43 13.34
CA MET A 252 33.36 33.29 13.77
C MET A 252 33.44 33.21 15.28
N LEU A 253 33.51 31.97 15.78
CA LEU A 253 33.81 31.70 17.18
C LEU A 253 35.13 30.95 17.27
N SER A 254 35.98 31.38 18.21
CA SER A 254 37.33 30.82 18.34
C SER A 254 37.43 29.76 19.43
N LEU A 255 38.52 29.00 19.43
CA LEU A 255 38.79 27.99 20.45
C LEU A 255 38.84 28.60 21.84
N ASP A 256 39.29 29.85 21.93
CA ASP A 256 39.28 30.59 23.19
C ASP A 256 38.09 31.55 23.32
N TYR A 257 36.91 31.08 22.92
CA TYR A 257 35.62 31.73 23.19
C TYR A 257 35.55 33.23 22.87
N LYS A 258 36.06 33.59 21.69
CA LYS A 258 35.90 34.95 21.16
C LYS A 258 34.91 35.00 19.99
N LEU A 259 33.92 35.87 20.11
CA LEU A 259 32.96 36.09 19.04
C LEU A 259 33.45 37.21 18.11
N LYS A 260 33.87 36.83 16.91
CA LYS A 260 34.52 37.74 15.97
C LYS A 260 33.67 38.01 14.74
N VAL A 261 33.70 39.26 14.29
CA VAL A 261 33.07 39.66 13.03
C VAL A 261 34.16 40.01 12.02
N LEU A 262 34.23 39.23 10.94
CA LEU A 262 35.22 39.46 9.89
C LEU A 262 34.59 40.17 8.70
N ASP A 263 35.16 41.30 8.31
CA ASP A 263 34.65 42.05 7.17
C ASP A 263 35.29 41.53 5.89
N LEU A 264 34.48 40.87 5.07
CA LEU A 264 34.96 40.21 3.85
C LEU A 264 35.31 41.18 2.72
N SER A 265 34.80 42.40 2.80
CA SER A 265 35.16 43.43 1.82
C SER A 265 36.63 43.82 1.96
N THR A 266 37.12 43.81 3.20
CA THR A 266 38.49 44.21 3.51
C THR A 266 39.36 43.12 4.14
N ASN A 267 38.75 41.96 4.43
CA ASN A 267 39.41 40.82 5.10
C ASN A 267 40.00 41.10 6.48
N GLN A 268 39.49 42.14 7.14
CA GLN A 268 39.94 42.52 8.47
C GLN A 268 38.88 42.16 9.50
N CYS A 269 39.31 41.90 10.73
CA CYS A 269 38.39 41.75 11.85
C CYS A 269 37.98 43.13 12.34
N VAL A 270 36.67 43.37 12.40
CA VAL A 270 36.12 44.69 12.73
C VAL A 270 35.71 44.73 14.19
N GLU A 271 35.31 43.58 14.73
CA GLU A 271 34.77 43.52 16.08
C GLU A 271 35.04 42.16 16.72
N THR A 272 35.35 42.17 18.00
CA THR A 272 35.66 40.96 18.75
C THR A 272 35.07 41.11 20.14
N ILE A 273 34.51 40.03 20.68
CA ILE A 273 34.02 40.00 22.05
C ILE A 273 34.49 38.74 22.74
N GLU A 274 35.12 38.90 23.90
CA GLU A 274 35.45 37.76 24.74
C GLU A 274 34.20 37.32 25.49
N LEU A 275 33.90 36.03 25.39
CA LEU A 275 32.78 35.43 26.11
C LEU A 275 33.28 34.76 27.38
N SER A 276 32.34 34.27 28.20
CA SER A 276 32.66 33.64 29.48
C SER A 276 33.42 32.31 29.34
N GLN A 277 33.86 31.76 30.46
CA GLN A 277 34.80 30.63 30.46
C GLN A 277 34.25 29.33 31.08
N THR A 278 34.35 28.25 30.28
CA THR A 278 34.09 26.87 30.70
C THR A 278 34.78 25.94 29.71
N ILE A 279 34.98 24.68 30.10
CA ILE A 279 35.55 23.70 29.17
C ILE A 279 34.48 23.30 28.15
N LEU A 280 34.82 23.41 26.87
CA LEU A 280 33.87 23.16 25.77
C LEU A 280 34.12 21.86 24.97
N PRO A 281 35.37 21.36 24.93
CA PRO A 281 35.66 20.16 24.16
C PRO A 281 35.22 18.88 24.89
N LEU A 282 35.30 17.70 24.25
CA LEU A 282 35.80 17.56 22.87
C LEU A 282 34.69 17.16 21.89
N GLN A 283 33.45 17.39 22.27
CA GLN A 283 32.30 17.10 21.43
C GLN A 283 32.21 18.12 20.30
N SER A 284 31.95 17.66 19.09
CA SER A 284 31.92 18.54 17.91
C SER A 284 30.51 18.79 17.39
N PHE A 285 30.10 20.05 17.44
CA PHE A 285 28.77 20.49 16.99
C PHE A 285 28.81 21.98 16.66
N PRO A 286 27.82 22.47 15.88
CA PRO A 286 27.78 23.91 15.63
C PRO A 286 27.51 24.73 16.89
N TYR A 287 28.11 25.91 16.96
CA TYR A 287 27.95 26.83 18.08
C TYR A 287 27.18 28.07 17.66
N LEU A 288 27.19 28.33 16.35
CA LEU A 288 26.58 29.54 15.82
C LEU A 288 25.53 29.24 14.75
N THR A 289 24.46 30.03 14.76
CA THR A 289 23.53 30.09 13.62
C THR A 289 22.90 31.48 13.50
N SER A 290 22.47 31.84 12.29
CA SER A 290 21.80 33.11 12.06
C SER A 290 20.38 32.89 11.55
N ASP A 291 19.52 33.88 11.74
CA ASP A 291 18.14 33.77 11.28
C ASP A 291 18.06 33.98 9.77
N HIS A 292 17.14 33.27 9.13
CA HIS A 292 17.07 33.16 7.68
C HIS A 292 16.40 34.33 7.01
N THR A 293 15.60 35.07 7.77
CA THR A 293 14.85 36.19 7.23
C THR A 293 15.74 37.42 7.04
N THR A 294 16.18 38.03 8.15
CA THR A 294 17.12 39.14 8.09
C THR A 294 18.41 38.70 8.74
N ASN A 295 19.42 38.43 7.92
CA ASN A 295 20.75 38.05 8.43
C ASN A 295 21.28 39.17 9.31
N SER A 296 20.84 39.17 10.56
CA SER A 296 21.04 40.30 11.46
C SER A 296 21.06 39.83 12.91
N PHE A 297 20.48 38.66 13.16
CA PHE A 297 20.50 38.05 14.49
C PHE A 297 21.33 36.78 14.50
N ILE A 298 21.91 36.49 15.66
CA ILE A 298 22.84 35.38 15.82
C ILE A 298 22.51 34.64 17.11
N ALA A 299 22.31 33.34 17.00
CA ALA A 299 22.16 32.50 18.16
C ALA A 299 23.50 31.83 18.47
N LEU A 300 23.82 31.73 19.76
CA LEU A 300 25.10 31.21 20.22
C LEU A 300 24.89 30.27 21.40
N TYR A 301 25.62 29.16 21.39
CA TYR A 301 25.46 28.10 22.38
C TYR A 301 26.60 28.06 23.39
N TYR A 302 26.22 27.88 24.66
CA TYR A 302 27.17 27.75 25.77
C TYR A 302 26.96 26.39 26.44
N PRO A 303 27.97 25.50 26.33
CA PRO A 303 27.92 24.23 27.06
C PRO A 303 27.91 24.44 28.58
N ASP A 304 27.26 23.52 29.29
CA ASP A 304 27.15 23.55 30.76
C ASP A 304 27.48 22.19 31.31
N ASN A 305 27.13 22.00 32.58
CA ASN A 305 27.07 20.68 33.19
C ASN A 305 25.75 20.02 32.84
N SER A 306 24.72 20.84 32.59
CA SER A 306 23.36 20.34 32.31
C SER A 306 22.72 20.96 31.07
N HIS A 307 23.24 20.58 29.90
CA HIS A 307 22.65 20.90 28.59
C HIS A 307 22.92 22.28 28.03
N GLY A 308 23.38 23.19 28.87
CA GLY A 308 23.82 24.50 28.40
C GLY A 308 22.77 25.58 28.35
N SER A 309 23.04 26.63 27.58
CA SER A 309 22.14 27.75 27.42
C SER A 309 22.43 28.44 26.09
N PHE A 310 21.59 29.39 25.70
CA PHE A 310 21.71 30.04 24.42
C PHE A 310 21.67 31.56 24.53
N SER A 311 22.42 32.23 23.66
CA SER A 311 22.41 33.69 23.57
C SER A 311 21.95 34.17 22.20
N ILE A 312 21.32 35.34 22.17
CA ILE A 312 21.02 36.02 20.91
C ILE A 312 21.72 37.38 20.87
N TYR A 313 22.29 37.72 19.71
CA TYR A 313 22.98 38.98 19.51
C TYR A 313 22.43 39.70 18.28
N LYS A 314 22.35 41.02 18.36
CA LYS A 314 21.99 41.86 17.23
C LYS A 314 23.26 42.36 16.56
N LEU A 315 23.30 42.29 15.23
CA LEU A 315 24.38 42.89 14.46
C LEU A 315 23.93 44.25 13.95
N ASN A 316 24.71 45.26 14.30
CA ASN A 316 24.45 46.64 13.88
C ASN A 316 25.59 47.14 13.01
N ALA A 317 25.23 47.61 11.82
CA ALA A 317 26.21 48.13 10.86
C ALA A 317 25.91 49.59 10.55
N ASN A 318 26.97 50.40 10.42
CA ASN A 318 26.82 51.81 10.05
C ASN A 318 27.52 52.18 8.74
N PHE A 322 30.35 49.92 8.52
CA PHE A 322 31.79 50.14 8.47
C PHE A 322 32.49 49.42 9.61
N LYS A 323 31.95 50.40 10.58
CA LYS A 323 32.17 49.67 11.83
C LYS A 323 30.92 48.87 12.19
N LEU A 324 31.13 47.63 12.60
CA LEU A 324 30.03 46.75 12.95
C LEU A 324 30.05 46.41 14.44
N ASN A 325 28.87 46.40 15.06
CA ASN A 325 28.74 46.08 16.48
C ASN A 325 27.93 44.79 16.66
N VAL A 326 28.44 43.91 17.51
CA VAL A 326 27.69 42.75 17.95
C VAL A 326 27.19 43.03 19.36
N VAL A 327 25.94 43.50 19.45
CA VAL A 327 25.36 43.90 20.74
C VAL A 327 24.41 42.82 21.23
N ILE A 328 24.54 42.48 22.52
CA ILE A 328 23.80 41.39 23.16
C ILE A 328 22.29 41.66 23.21
N GLU A 329 21.51 40.57 23.13
CA GLU A 329 20.06 40.62 23.36
C GLU A 329 19.62 39.60 24.41
N LYS A 330 20.36 38.51 24.56
CA LYS A 330 20.04 37.47 25.52
C LYS A 330 21.30 36.88 26.15
N GLY A 331 21.27 36.71 27.47
CA GLY A 331 22.34 36.03 28.20
C GLY A 331 22.11 34.53 28.30
N ILE A 332 20.87 34.13 28.57
CA ILE A 332 20.51 32.71 28.74
C ILE A 332 19.10 32.32 28.22
N ILE A 333 19.06 31.30 27.36
CA ILE A 333 17.84 30.57 27.03
C ILE A 333 18.07 29.12 27.49
N PRO A 334 17.48 28.73 28.63
CA PRO A 334 17.75 27.40 29.18
C PRO A 334 16.79 26.33 28.64
N PRO A 335 17.35 25.27 28.02
CA PRO A 335 16.56 24.17 27.49
C PRO A 335 15.85 23.41 28.60
N SER A 336 14.71 22.81 28.26
CA SER A 336 14.01 21.92 29.18
C SER A 336 14.84 20.66 29.36
N LEU A 337 14.43 19.82 30.30
CA LEU A 337 15.11 18.55 30.53
C LEU A 337 14.80 17.54 29.41
N PRO A 338 15.86 17.02 28.73
CA PRO A 338 15.66 15.76 28.03
C PRO A 338 15.45 14.64 29.04
N ASP A 339 14.79 13.57 28.59
CA ASP A 339 14.22 12.53 29.47
C ASP A 339 15.12 11.94 30.57
N ASP A 340 15.90 10.91 30.24
CA ASP A 340 16.61 10.13 31.25
C ASP A 340 18.06 10.56 31.47
N GLU A 341 18.25 11.62 32.25
CA GLU A 341 19.57 12.21 32.46
C GLU A 341 20.48 11.47 33.45
N PHE A 342 20.68 10.18 33.19
CA PHE A 342 21.85 9.44 33.67
C PHE A 342 22.54 8.78 32.47
N ILE A 343 21.92 8.96 31.30
CA ILE A 343 22.58 8.78 30.00
C ILE A 343 22.76 10.16 29.33
N PRO A 344 23.88 10.37 28.63
CA PRO A 344 24.20 11.73 28.17
C PRO A 344 23.43 12.17 26.92
N TRP A 345 23.25 13.49 26.80
CA TRP A 345 22.64 14.09 25.62
C TRP A 345 23.54 15.17 25.06
N MET A 346 23.73 15.16 23.76
CA MET A 346 24.57 16.16 23.08
C MET A 346 23.78 17.00 22.10
N LEU A 347 24.14 18.27 22.00
CA LEU A 347 23.60 19.13 20.97
C LEU A 347 24.06 18.63 19.62
N SER A 348 23.10 18.43 18.72
CA SER A 348 23.43 18.06 17.34
C SER A 348 23.44 19.29 16.44
N ASP A 349 22.42 20.14 16.59
CA ASP A 349 22.24 21.28 15.69
C ASP A 349 21.12 22.16 16.23
N PHE A 350 20.99 23.36 15.67
CA PHE A 350 19.89 24.25 16.03
C PHE A 350 19.67 25.33 14.96
N GLN A 351 18.47 25.88 14.89
CA GLN A 351 18.16 26.95 13.96
C GLN A 351 17.51 28.13 14.68
N LEU A 352 17.53 29.30 14.03
CA LEU A 352 16.92 30.51 14.59
C LEU A 352 16.03 31.20 13.55
N ILE A 353 14.83 31.59 13.98
CA ILE A 353 13.86 32.22 13.09
C ILE A 353 13.19 33.42 13.75
N SER A 354 13.35 34.61 13.15
CA SER A 354 12.61 35.80 13.58
C SER A 354 11.38 36.00 12.69
N SER A 355 10.33 36.59 13.25
CA SER A 355 9.00 36.54 12.62
C SER A 355 8.65 37.72 11.70
N GLU A 356 9.64 38.55 11.35
CA GLU A 356 9.45 39.73 10.49
C GLU A 356 8.56 40.82 11.09
N GLY A 357 7.79 40.46 12.12
CA GLY A 357 6.92 41.41 12.81
C GLY A 357 7.18 41.51 14.30
N SER A 358 8.29 42.11 14.70
CA SER A 358 9.31 42.63 13.77
C SER A 358 10.66 42.04 14.12
N GLN A 359 11.19 42.45 15.26
CA GLN A 359 12.43 41.93 15.81
C GLN A 359 12.25 41.70 17.31
N SER A 360 11.03 41.32 17.70
CA SER A 360 10.68 41.08 19.09
C SER A 360 10.33 39.62 19.35
N LYS A 361 9.95 38.91 18.29
CA LYS A 361 9.55 37.50 18.40
C LYS A 361 10.52 36.60 17.62
N PHE A 362 11.10 35.63 18.36
CA PHE A 362 12.07 34.69 17.80
C PHE A 362 11.66 33.24 18.04
N LEU A 363 12.18 32.35 17.20
CA LEU A 363 11.95 30.92 17.32
C LEU A 363 13.25 30.15 17.20
N LEU A 364 13.56 29.35 18.22
CA LEU A 364 14.78 28.55 18.23
C LEU A 364 14.46 27.05 18.26
N ILE A 365 14.80 26.37 17.17
CA ILE A 365 14.62 24.92 17.07
C ILE A 365 15.94 24.24 17.38
N ILE A 366 15.90 23.25 18.27
CA ILE A 366 17.10 22.57 18.76
C ILE A 366 16.94 21.07 18.60
N ALA A 367 18.00 20.42 18.10
CA ALA A 367 18.05 18.95 17.98
C ALA A 367 19.07 18.35 18.95
N TRP A 368 18.61 17.36 19.72
CA TRP A 368 19.44 16.68 20.70
C TRP A 368 19.68 15.26 20.31
N LYS A 369 20.89 14.79 20.62
CA LYS A 369 21.38 13.50 20.16
C LYS A 369 21.85 12.66 21.34
N SER A 370 21.56 11.36 21.29
CA SER A 370 22.10 10.41 22.25
C SER A 370 22.23 9.07 21.56
N ASN A 371 23.40 8.82 20.98
CA ASN A 371 23.60 7.67 20.09
C ASN A 371 22.50 7.76 19.04
N LEU A 372 21.72 6.70 18.87
CA LEU A 372 20.64 6.66 17.89
C LEU A 372 19.30 7.26 18.33
N ASN A 373 19.29 7.89 19.50
CA ASN A 373 18.10 8.55 20.04
C ASN A 373 18.14 10.04 19.74
N THR A 374 16.96 10.66 19.66
CA THR A 374 16.84 12.04 19.22
C THR A 374 15.66 12.78 19.88
N VAL A 375 15.91 14.02 20.31
CA VAL A 375 14.83 14.92 20.76
C VAL A 375 14.91 16.26 20.05
N ILE A 376 13.76 16.74 19.59
CA ILE A 376 13.65 18.06 19.00
C ILE A 376 12.86 18.98 19.93
N GLN A 377 13.38 20.18 20.16
CA GLN A 377 12.72 21.18 20.97
C GLN A 377 12.51 22.48 20.21
N LYS A 378 11.34 23.09 20.39
CA LYS A 378 11.10 24.46 19.93
C LYS A 378 10.95 25.40 21.12
N CYS A 379 11.44 26.62 20.97
CA CYS A 379 11.23 27.68 21.94
C CYS A 379 10.70 28.94 21.28
N ASN A 380 9.51 29.36 21.71
CA ASN A 380 8.99 30.66 21.38
C ASN A 380 9.45 31.68 22.40
N LEU A 381 10.40 32.51 21.99
CA LEU A 381 10.93 33.58 22.84
C LEU A 381 10.39 34.93 22.39
N SER A 382 10.08 35.79 23.36
CA SER A 382 9.59 37.14 23.10
C SER A 382 10.19 38.17 24.06
N LEU A 383 10.19 39.44 23.64
CA LEU A 383 10.86 40.52 24.38
C LEU A 383 9.90 41.36 25.23
N ASP A 384 10.35 41.70 26.44
CA ASP A 384 9.54 42.45 27.42
C ASP A 384 9.78 43.97 27.40
N GLN A 385 10.85 44.38 26.70
CA GLN A 385 11.26 45.80 26.60
C GLN A 385 11.50 46.46 27.95
N PHE A 389 11.87 38.65 29.39
CA PHE A 389 11.51 37.79 28.26
C PHE A 389 10.73 36.55 28.68
N SER A 390 9.93 36.03 27.76
CA SER A 390 9.12 34.82 28.01
C SER A 390 9.47 33.71 27.03
N CYS A 391 9.46 32.48 27.54
CA CYS A 391 9.80 31.29 26.75
C CYS A 391 8.75 30.19 26.81
N VAL A 392 8.09 29.95 25.68
CA VAL A 392 7.12 28.87 25.56
C VAL A 392 7.75 27.70 24.81
N TRP A 393 7.84 26.56 25.49
CA TRP A 393 8.59 25.39 25.00
C TRP A 393 7.71 24.27 24.53
N SER A 394 8.17 23.55 23.51
CA SER A 394 7.55 22.29 23.07
C SER A 394 8.61 21.27 22.64
N HIS A 395 8.28 19.98 22.72
CA HIS A 395 9.25 18.94 22.37
C HIS A 395 8.62 17.69 21.82
N SER A 396 9.46 16.79 21.31
CA SER A 396 9.03 15.52 20.73
C SER A 396 9.35 14.35 21.66
N LEU A 397 8.35 13.50 21.88
CA LEU A 397 8.52 12.30 22.71
C LEU A 397 8.69 11.08 21.80
N ASP A 398 9.85 10.97 21.16
CA ASP A 398 10.10 9.89 20.22
C ASP A 398 10.80 8.68 20.84
N SER A 399 10.29 7.49 20.53
CA SER A 399 10.83 6.24 21.02
C SER A 399 11.74 5.59 19.97
N THR A 406 6.33 -5.62 17.35
CA THR A 406 4.99 -6.01 16.88
C THR A 406 4.81 -7.53 16.93
N PHE A 407 3.57 -7.94 17.22
CA PHE A 407 3.27 -9.33 17.54
C PHE A 407 1.86 -9.74 17.12
N PHE A 408 1.72 -10.96 16.61
CA PHE A 408 0.41 -11.57 16.41
C PHE A 408 0.45 -13.10 16.55
N ASP A 409 -0.64 -13.69 17.00
CA ASP A 409 -0.76 -15.15 17.04
C ASP A 409 -0.98 -15.68 15.63
N VAL A 410 -0.62 -16.95 15.43
CA VAL A 410 -0.84 -17.62 14.17
C VAL A 410 -2.32 -17.52 13.80
N PRO A 411 -2.62 -16.95 12.61
CA PRO A 411 -4.01 -16.71 12.20
C PRO A 411 -4.86 -17.98 12.19
N THR A 412 -6.06 -17.88 12.77
CA THR A 412 -6.99 -19.00 12.84
C THR A 412 -8.14 -18.77 11.88
N ASN A 413 -8.18 -17.56 11.33
CA ASN A 413 -9.11 -17.19 10.27
C ASN A 413 -8.33 -16.44 9.19
N MET A 414 -8.88 -16.33 7.99
CA MET A 414 -8.14 -15.73 6.87
C MET A 414 -8.57 -14.32 6.49
N SER A 415 -9.34 -13.65 7.34
CA SER A 415 -9.80 -12.26 7.10
C SER A 415 -8.68 -11.30 6.70
N SER A 416 -7.50 -11.45 7.30
CA SER A 416 -6.32 -10.70 6.89
C SER A 416 -5.21 -11.60 6.31
N GLY A 417 -5.58 -12.79 5.87
CA GLY A 417 -4.63 -13.71 5.25
C GLY A 417 -3.79 -14.48 6.24
N ASP A 418 -2.74 -15.14 5.73
CA ASP A 418 -1.92 -16.04 6.56
C ASP A 418 -0.59 -15.37 6.95
N ILE A 419 0.28 -16.15 7.60
CA ILE A 419 1.52 -15.66 8.21
C ILE A 419 2.37 -14.82 7.27
N SER A 420 2.64 -15.33 6.08
CA SER A 420 3.51 -14.64 5.14
C SER A 420 2.92 -13.32 4.65
N GLU A 421 1.66 -13.35 4.25
CA GLU A 421 0.94 -12.13 3.86
C GLU A 421 1.04 -11.04 4.92
N ILE A 422 0.78 -11.40 6.18
CA ILE A 422 0.77 -10.43 7.28
C ILE A 422 2.15 -9.87 7.59
N TRP A 423 3.15 -10.73 7.68
CA TRP A 423 4.54 -10.29 7.92
C TRP A 423 5.09 -9.45 6.80
N LEU A 424 4.77 -9.83 5.56
CA LEU A 424 5.24 -9.09 4.39
C LEU A 424 4.65 -7.68 4.41
N GLN A 425 3.34 -7.57 4.64
CA GLN A 425 2.70 -6.26 4.77
C GLN A 425 3.38 -5.40 5.83
N HIS A 426 3.60 -5.97 7.01
CA HIS A 426 4.23 -5.28 8.12
C HIS A 426 5.61 -4.77 7.82
N ILE A 427 6.43 -5.60 7.18
CA ILE A 427 7.80 -5.22 6.86
C ILE A 427 7.88 -4.11 5.78
N PHE A 428 7.01 -4.18 4.79
CA PHE A 428 7.05 -3.21 3.68
C PHE A 428 6.25 -1.93 3.90
N ALA A 429 5.55 -1.85 5.03
CA ALA A 429 4.81 -0.65 5.40
C ALA A 429 5.34 -0.09 6.71
N HIS A 430 6.61 -0.33 7.00
CA HIS A 430 7.17 0.02 8.29
C HIS A 430 7.93 1.32 8.34
N ASN A 431 8.10 1.96 7.17
CA ASN A 431 8.85 3.22 7.06
C ASN A 431 10.37 3.05 7.25
N THR A 432 10.86 1.83 7.09
CA THR A 432 12.28 1.57 7.05
C THR A 432 12.73 1.75 5.60
N SER A 433 14.05 1.92 5.39
CA SER A 433 14.60 2.07 4.05
C SER A 433 14.59 0.76 3.28
N ILE A 434 14.51 0.88 1.97
CA ILE A 434 14.62 -0.25 1.06
C ILE A 434 15.97 -0.95 1.20
N GLU A 435 17.04 -0.18 1.44
CA GLU A 435 18.37 -0.77 1.54
C GLU A 435 18.49 -1.78 2.67
N SER A 436 17.92 -1.44 3.84
CA SER A 436 17.94 -2.34 4.99
C SER A 436 17.29 -3.69 4.69
N ILE A 437 16.24 -3.67 3.87
CA ILE A 437 15.60 -4.92 3.43
C ILE A 437 16.53 -5.69 2.49
N GLN A 438 17.13 -4.99 1.53
CA GLN A 438 18.05 -5.60 0.56
C GLN A 438 19.25 -6.22 1.24
N VAL A 439 19.86 -5.49 2.16
CA VAL A 439 21.02 -6.01 2.90
C VAL A 439 20.63 -7.14 3.82
N ALA A 440 19.50 -7.00 4.53
CA ALA A 440 18.96 -8.09 5.34
C ALA A 440 18.71 -9.34 4.49
N LEU A 441 18.19 -9.14 3.28
CA LEU A 441 17.93 -10.24 2.35
C LEU A 441 19.21 -11.02 1.98
N LEU A 442 20.32 -10.30 1.82
CA LEU A 442 21.64 -10.90 1.59
C LEU A 442 22.00 -11.93 2.67
N SER A 443 21.90 -11.49 3.92
CA SER A 443 22.20 -12.31 5.09
C SER A 443 21.39 -13.61 5.12
N PHE A 444 20.17 -13.57 4.58
CA PHE A 444 19.28 -14.74 4.54
C PHE A 444 19.54 -15.58 3.30
N GLN A 445 20.74 -15.43 2.75
CA GLN A 445 21.21 -16.18 1.58
C GLN A 445 22.73 -16.38 1.74
N ASN A 446 23.47 -16.24 0.64
CA ASN A 446 24.93 -16.35 0.65
C ASN A 446 25.60 -14.97 0.72
N SER A 452 28.31 -9.64 0.18
CA SER A 452 28.59 -9.58 -1.26
C SER A 452 28.16 -8.23 -1.84
N LYS A 453 29.10 -7.29 -1.90
CA LYS A 453 28.87 -5.94 -2.42
C LYS A 453 28.28 -5.95 -3.82
N ASN A 454 28.70 -6.94 -4.61
CA ASN A 454 28.15 -7.18 -5.94
C ASN A 454 26.66 -7.46 -5.89
N LYS A 455 26.25 -8.29 -4.93
CA LYS A 455 24.85 -8.72 -4.82
C LYS A 455 23.91 -7.62 -4.37
N LEU A 456 24.41 -6.70 -3.56
CA LEU A 456 23.64 -5.51 -3.13
C LEU A 456 23.23 -4.67 -4.34
N ASP A 457 24.20 -4.44 -5.24
CA ASP A 457 23.96 -3.66 -6.45
C ASP A 457 22.99 -4.36 -7.39
N LYS A 458 22.98 -5.70 -7.36
CA LYS A 458 22.04 -6.51 -8.14
C LYS A 458 20.61 -6.35 -7.65
N PHE A 459 20.41 -6.35 -6.32
CA PHE A 459 19.11 -6.12 -5.72
C PHE A 459 18.56 -4.73 -6.02
N GLY A 460 19.47 -3.78 -6.28
CA GLY A 460 19.09 -2.40 -6.62
C GLY A 460 18.44 -2.28 -7.99
N ALA A 461 18.64 -3.30 -8.83
CA ALA A 461 17.98 -3.37 -10.15
C ALA A 461 16.67 -4.16 -10.11
N LEU A 462 16.31 -4.62 -8.91
CA LEU A 462 15.00 -5.24 -8.68
C LEU A 462 13.93 -4.19 -8.45
N THR A 463 12.76 -4.42 -9.05
CA THR A 463 11.57 -3.62 -8.78
C THR A 463 11.09 -3.95 -7.36
N ILE A 464 10.28 -3.06 -6.80
CA ILE A 464 9.74 -3.24 -5.45
C ILE A 464 8.93 -4.53 -5.28
N SER A 465 8.18 -4.90 -6.32
CA SER A 465 7.41 -6.15 -6.31
C SER A 465 8.34 -7.34 -6.38
N GLU A 466 9.37 -7.25 -7.21
CA GLU A 466 10.39 -8.29 -7.29
C GLU A 466 11.09 -8.44 -5.94
N LEU A 467 11.33 -7.33 -5.25
CA LEU A 467 11.95 -7.36 -3.92
C LEU A 467 11.06 -8.07 -2.90
N LYS A 468 9.77 -7.70 -2.90
CA LYS A 468 8.76 -8.35 -2.06
C LYS A 468 8.71 -9.85 -2.30
N ASN A 469 8.64 -10.24 -3.57
CA ASN A 469 8.65 -11.64 -3.96
C ASN A 469 9.93 -12.39 -3.57
N ALA A 470 11.06 -11.68 -3.62
CA ALA A 470 12.34 -12.25 -3.32
C ALA A 470 12.45 -12.50 -1.81
N VAL A 471 11.94 -11.55 -1.02
CA VAL A 471 11.90 -11.70 0.44
C VAL A 471 11.04 -12.88 0.82
N LEU A 472 9.81 -12.92 0.31
CA LEU A 472 8.88 -14.01 0.60
C LEU A 472 9.47 -15.35 0.15
N SER A 473 9.97 -15.37 -1.08
CA SER A 473 10.53 -16.58 -1.67
C SER A 473 11.66 -17.15 -0.82
N SER A 474 12.57 -16.28 -0.38
CA SER A 474 13.74 -16.75 0.34
C SER A 474 13.41 -17.25 1.75
N ILE A 475 12.40 -16.66 2.40
CA ILE A 475 11.92 -17.15 3.70
C ILE A 475 11.15 -18.46 3.56
N VAL A 476 10.26 -18.54 2.58
CA VAL A 476 9.46 -19.75 2.33
C VAL A 476 10.36 -20.94 1.96
N SER A 477 11.48 -20.67 1.29
CA SER A 477 12.40 -21.71 0.84
C SER A 477 13.24 -22.32 1.98
N THR A 478 13.44 -21.57 3.06
CA THR A 478 14.24 -22.06 4.18
C THR A 478 13.43 -22.91 5.15
N ILE A 479 12.11 -22.82 5.09
CA ILE A 479 11.28 -23.49 6.09
C ILE A 479 10.69 -24.79 5.58
N GLN A 480 10.99 -25.88 6.29
CA GLN A 480 10.61 -27.21 5.85
C GLN A 480 9.42 -27.74 6.62
N ILE A 481 8.49 -28.37 5.89
CA ILE A 481 7.32 -28.97 6.47
C ILE A 481 7.60 -30.45 6.79
N GLU A 482 7.21 -30.87 7.99
CA GLU A 482 7.48 -32.22 8.45
C GLU A 482 6.23 -33.06 8.63
N PRO A 483 6.34 -34.36 8.30
CA PRO A 483 5.35 -35.39 8.64
C PRO A 483 5.10 -35.48 10.15
N ASN A 484 3.89 -35.89 10.53
CA ASN A 484 3.49 -36.06 11.93
C ASN A 484 2.08 -36.67 12.02
N SER A 485 1.81 -37.51 13.01
CA SER A 485 2.78 -37.99 14.00
C SER A 485 3.03 -39.47 13.78
N ASP A 486 1.95 -40.20 13.50
CA ASP A 486 2.00 -41.58 13.07
C ASP A 486 2.12 -41.64 11.54
N LEU A 487 2.78 -40.63 10.98
CA LEU A 487 3.00 -40.48 9.53
C LEU A 487 1.69 -40.49 8.74
N THR A 488 0.72 -39.74 9.24
CA THR A 488 -0.63 -39.71 8.67
C THR A 488 -1.01 -38.32 8.18
N GLY A 489 0.00 -37.49 7.91
CA GLY A 489 -0.18 -36.11 7.47
C GLY A 489 1.02 -35.28 7.89
N TYR A 490 1.00 -33.99 7.58
CA TYR A 490 2.08 -33.10 7.99
C TYR A 490 1.79 -32.43 9.32
N ASP A 491 2.86 -32.00 10.00
CA ASP A 491 2.76 -31.20 11.21
C ASP A 491 2.58 -29.75 10.78
N TYR A 492 1.34 -29.40 10.45
CA TYR A 492 0.97 -28.07 10.01
C TYR A 492 1.26 -27.01 11.07
N TYR A 493 1.01 -27.37 12.33
CA TYR A 493 1.23 -26.49 13.46
C TYR A 493 2.69 -26.06 13.60
N GLU A 494 3.61 -27.01 13.50
CA GLU A 494 5.04 -26.71 13.61
C GLU A 494 5.56 -25.88 12.44
N TYR A 495 5.02 -26.15 11.26
CA TYR A 495 5.40 -25.38 10.09
C TYR A 495 5.05 -23.90 10.31
N LYS A 496 3.81 -23.64 10.73
CA LYS A 496 3.34 -22.29 11.02
C LYS A 496 4.27 -21.58 11.98
N ARG A 497 4.59 -22.23 13.09
CA ARG A 497 5.45 -21.63 14.12
C ARG A 497 6.84 -21.30 13.58
N LEU A 498 7.45 -22.23 12.85
CA LEU A 498 8.79 -22.00 12.30
C LEU A 498 8.78 -20.91 11.20
N LEU A 499 7.76 -20.92 10.36
CA LEU A 499 7.60 -19.86 9.35
C LEU A 499 7.47 -18.48 10.02
N TYR A 500 6.66 -18.42 11.07
CA TYR A 500 6.46 -17.16 11.81
C TYR A 500 7.78 -16.64 12.36
N ASN A 501 8.55 -17.53 12.98
CA ASN A 501 9.83 -17.16 13.61
C ASN A 501 10.88 -16.70 12.62
N GLU A 502 10.91 -17.33 11.45
CA GLU A 502 11.82 -16.88 10.40
C GLU A 502 11.46 -15.46 9.94
N TRP A 503 10.18 -15.22 9.70
CA TRP A 503 9.72 -13.86 9.36
C TRP A 503 10.11 -12.89 10.44
N GLU A 504 9.85 -13.25 11.69
CA GLU A 504 10.24 -12.42 12.82
C GLU A 504 11.73 -12.06 12.83
N ARG A 505 12.59 -13.04 12.63
CA ARG A 505 14.04 -12.81 12.61
C ARG A 505 14.40 -11.81 11.52
N PHE A 506 13.81 -12.01 10.35
CA PHE A 506 14.07 -11.13 9.23
C PHE A 506 13.65 -9.70 9.54
N ALA A 507 12.46 -9.55 10.14
CA ALA A 507 11.94 -8.24 10.53
C ALA A 507 12.84 -7.56 11.56
N LYS A 508 13.36 -8.35 12.50
CA LYS A 508 14.29 -7.84 13.51
C LYS A 508 15.61 -7.37 12.89
N LEU A 509 16.12 -8.12 11.93
CA LEU A 509 17.34 -7.72 11.24
C LEU A 509 17.14 -6.42 10.45
N VAL A 510 16.02 -6.34 9.74
CA VAL A 510 15.68 -5.16 8.98
C VAL A 510 15.61 -3.93 9.89
N ALA A 511 14.82 -4.00 10.95
CA ALA A 511 14.70 -2.92 11.93
C ALA A 511 16.03 -2.61 12.58
N TYR A 512 16.85 -3.63 12.82
CA TYR A 512 18.15 -3.44 13.48
C TYR A 512 19.12 -2.66 12.59
N LEU A 513 19.20 -3.03 11.33
CA LEU A 513 20.04 -2.33 10.38
C LEU A 513 19.54 -0.91 10.14
N ASP A 514 18.23 -0.78 9.95
CA ASP A 514 17.65 0.48 9.53
C ASP A 514 17.73 1.53 10.61
N HIS A 515 17.76 1.07 11.86
CA HIS A 515 17.81 1.96 13.01
C HIS A 515 19.11 2.73 13.09
N PHE A 516 20.17 2.21 12.51
CA PHE A 516 21.41 2.97 12.36
C PHE A 516 21.19 4.23 11.51
N GLY A 517 20.26 4.16 10.56
CA GLY A 517 19.91 5.30 9.74
C GLY A 517 19.11 6.38 10.46
N ASP A 518 18.73 6.12 11.71
CA ASP A 518 17.94 7.06 12.51
C ASP A 518 18.78 8.11 13.26
N GLU A 519 20.10 7.99 13.18
CA GLU A 519 21.00 8.97 13.78
C GLU A 519 20.75 10.36 13.20
N ILE A 520 20.52 11.34 14.07
CA ILE A 520 20.34 12.73 13.66
C ILE A 520 21.68 13.28 13.20
N LEU A 521 21.66 14.23 12.26
CA LEU A 521 22.90 14.80 11.73
C LEU A 521 22.84 16.31 11.63
N SER A 522 21.72 16.83 11.15
CA SER A 522 21.53 18.25 11.03
C SER A 522 20.05 18.58 10.94
N ILE A 523 19.73 19.88 11.06
CA ILE A 523 18.41 20.43 10.78
C ILE A 523 18.55 21.72 9.96
N ASN A 524 17.54 22.01 9.13
CA ASN A 524 17.55 23.22 8.31
C ASN A 524 16.16 23.81 8.20
N PHE A 525 16.05 25.09 8.55
CA PHE A 525 14.82 25.83 8.31
C PHE A 525 14.84 26.27 6.86
N ASP A 526 13.74 26.02 6.17
CA ASP A 526 13.57 26.47 4.80
C ASP A 526 12.59 27.63 4.86
N PRO A 527 13.07 28.85 4.54
CA PRO A 527 12.20 30.03 4.54
C PRO A 527 11.31 30.08 3.30
N SER A 528 11.78 29.49 2.20
CA SER A 528 11.03 29.40 0.95
C SER A 528 9.70 28.68 1.18
N ASN A 529 9.79 27.49 1.78
CA ASN A 529 8.62 26.82 2.35
C ASN A 529 8.36 27.37 3.74
N ALA A 530 7.49 26.74 4.49
CA ALA A 530 7.30 27.10 5.89
C ALA A 530 8.13 26.19 6.81
N VAL A 531 8.90 25.31 6.19
CA VAL A 531 9.29 24.03 6.81
C VAL A 531 10.71 23.92 7.35
N THR A 532 10.83 23.27 8.51
CA THR A 532 12.14 22.88 9.03
C THR A 532 12.41 21.39 8.80
N TYR A 533 13.41 21.14 7.96
CA TYR A 533 13.84 19.79 7.63
C TYR A 533 14.70 19.22 8.76
N ILE A 534 14.53 17.94 9.03
CA ILE A 534 15.33 17.20 10.00
C ILE A 534 16.05 16.12 9.25
N ASN A 535 17.39 16.11 9.33
CA ASN A 535 18.20 15.19 8.54
C ASN A 535 18.80 14.07 9.35
N TYR A 536 18.30 12.85 9.09
CA TYR A 536 18.83 11.63 9.72
C TYR A 536 19.77 10.98 8.73
N ALA A 537 20.45 9.93 9.18
CA ALA A 537 21.50 9.28 8.39
C ALA A 537 20.97 8.51 7.18
N ASN A 538 19.68 8.22 7.14
CA ASN A 538 19.06 7.68 5.91
C ASN A 538 17.58 8.05 5.72
N LYS A 539 17.18 9.15 6.35
CA LYS A 539 15.81 9.64 6.33
C LYS A 539 15.79 11.18 6.41
N VAL A 540 14.80 11.79 5.74
CA VAL A 540 14.46 13.20 5.90
C VAL A 540 13.14 13.29 6.62
N ALA A 541 12.96 14.35 7.41
CA ALA A 541 11.73 14.55 8.13
C ALA A 541 11.42 16.04 8.26
N PHE A 542 10.20 16.36 8.67
CA PHE A 542 9.87 17.72 9.09
C PHE A 542 8.99 17.73 10.32
N ILE A 543 9.03 18.85 11.03
CA ILE A 543 8.25 19.02 12.26
C ILE A 543 6.80 19.29 11.89
N ARG A 544 5.89 18.83 12.74
CA ARG A 544 4.46 19.12 12.61
C ARG A 544 3.77 19.05 13.97
N ASP A 545 2.66 19.76 14.08
CA ASP A 545 1.81 19.71 15.28
C ASP A 545 0.91 18.48 15.20
N PRO A 546 0.58 17.89 16.36
CA PRO A 546 -0.34 16.77 16.35
C PRO A 546 -1.75 17.25 16.04
N TYR A 547 -2.54 16.42 15.34
CA TYR A 547 -3.96 16.70 15.19
C TYR A 547 -4.64 16.15 16.42
N LEU A 548 -5.85 16.65 16.72
CA LEU A 548 -6.63 16.19 17.86
C LEU A 548 -6.69 14.68 17.99
N ILE A 549 -6.88 14.02 16.86
CA ILE A 549 -7.00 12.56 16.82
C ILE A 549 -5.76 11.89 17.43
N GLU A 550 -4.58 12.45 17.16
CA GLU A 550 -3.32 11.95 17.71
C GLU A 550 -3.27 12.05 19.24
N SER A 551 -3.54 13.25 19.78
CA SER A 551 -3.66 13.46 21.24
C SER A 551 -4.62 12.46 21.91
N PHE A 552 -5.74 12.18 21.25
CA PHE A 552 -6.73 11.24 21.80
C PHE A 552 -6.35 9.76 21.68
N ASP A 553 -5.37 9.47 20.82
CA ASP A 553 -4.90 8.09 20.65
C ASP A 553 -3.91 7.72 21.73
N GLU A 554 -2.84 8.51 21.86
CA GLU A 554 -1.80 8.25 22.85
C GLU A 554 -2.20 8.76 24.25
N GLU A 555 -1.93 7.91 25.24
CA GLU A 555 -2.40 8.07 26.63
C GLU A 555 -1.97 9.39 27.32
N PRO A 556 -2.44 9.63 28.56
CA PRO A 556 -3.52 9.01 29.35
C PRO A 556 -4.67 9.97 29.59
N LEU A 557 -5.77 9.48 30.19
CA LEU A 557 -6.96 10.30 30.42
C LEU A 557 -6.64 11.56 31.23
N THR A 558 -5.86 11.39 32.30
CA THR A 558 -5.46 12.50 33.18
C THR A 558 -4.85 13.68 32.42
N LYS A 559 -3.82 13.40 31.61
CA LYS A 559 -3.15 14.44 30.81
C LYS A 559 -4.10 15.09 29.79
N LEU A 560 -5.01 14.30 29.22
CA LEU A 560 -6.03 14.84 28.33
C LEU A 560 -6.93 15.84 29.04
N ILE A 561 -7.37 15.49 30.25
CA ILE A 561 -8.23 16.36 31.07
C ILE A 561 -7.55 17.70 31.38
N SER A 562 -6.25 17.65 31.68
CA SER A 562 -5.49 18.83 32.10
C SER A 562 -5.33 19.92 31.02
N SER A 563 -5.96 19.73 29.87
CA SER A 563 -6.06 20.80 28.87
C SER A 563 -7.11 21.81 29.34
N LEU A 564 -6.65 23.02 29.59
CA LEU A 564 -7.39 24.07 30.32
C LEU A 564 -8.78 24.41 29.80
N GLU A 565 -9.70 24.81 30.69
CA GLU A 565 -9.50 24.82 32.14
C GLU A 565 -10.32 23.74 32.86
N THR A 566 -11.53 23.43 32.38
CA THR A 566 -12.13 24.03 31.18
C THR A 566 -13.16 25.16 31.42
N ASP A 567 -13.96 25.12 32.49
CA ASP A 567 -13.98 24.07 33.52
C ASP A 567 -15.39 23.53 33.64
N ASP A 568 -15.79 22.68 32.68
CA ASP A 568 -17.18 22.24 32.55
C ASP A 568 -17.38 20.92 31.79
N PRO A 569 -18.46 20.20 32.09
CA PRO A 569 -19.04 19.29 31.11
C PRO A 569 -19.74 20.13 30.04
N SER A 570 -19.96 19.61 28.82
CA SER A 570 -19.73 18.23 28.43
C SER A 570 -18.30 17.93 27.93
N LEU A 571 -17.43 18.93 28.07
CA LEU A 571 -16.05 18.82 27.58
C LEU A 571 -15.33 17.65 28.26
N ILE A 572 -15.29 17.69 29.59
CA ILE A 572 -14.66 16.63 30.40
C ILE A 572 -15.37 15.29 30.20
N GLU A 573 -16.70 15.32 30.26
CA GLU A 573 -17.49 14.10 30.15
C GLU A 573 -17.33 13.38 28.81
N GLY A 574 -17.20 14.16 27.74
CA GLY A 574 -16.94 13.62 26.40
C GLY A 574 -15.62 12.88 26.36
N TYR A 575 -14.59 13.50 26.93
CA TYR A 575 -13.27 12.88 27.07
C TYR A 575 -13.38 11.53 27.78
N GLN A 576 -14.11 11.52 28.89
CA GLN A 576 -14.30 10.31 29.69
C GLN A 576 -14.89 9.16 28.88
N ILE A 577 -15.90 9.46 28.05
CA ILE A 577 -16.54 8.46 27.20
C ILE A 577 -15.59 7.98 26.10
N LEU A 578 -14.79 8.90 25.54
CA LEU A 578 -13.79 8.53 24.55
C LEU A 578 -12.84 7.47 25.14
N ASP A 579 -12.37 7.71 26.36
CA ASP A 579 -11.50 6.74 27.01
C ASP A 579 -12.16 5.38 27.19
N LEU A 580 -13.47 5.39 27.45
CA LEU A 580 -14.27 4.16 27.51
C LEU A 580 -14.24 3.40 26.18
N GLY A 581 -14.27 4.14 25.07
CA GLY A 581 -14.15 3.56 23.74
C GLY A 581 -12.76 3.01 23.48
N ARG A 582 -11.75 3.80 23.81
CA ARG A 582 -10.35 3.38 23.72
C ARG A 582 -10.09 2.08 24.47
N SER A 583 -10.58 1.99 25.71
CA SER A 583 -10.28 0.84 26.55
C SER A 583 -11.06 -0.40 26.13
N LEU A 584 -12.24 -0.19 25.57
CA LEU A 584 -13.01 -1.29 24.97
C LEU A 584 -12.29 -1.83 23.74
N HIS A 585 -11.84 -0.93 22.86
CA HIS A 585 -11.05 -1.34 21.70
C HIS A 585 -9.89 -2.21 22.09
N SER A 586 -9.21 -1.84 23.18
CA SER A 586 -8.01 -2.54 23.62
C SER A 586 -8.27 -3.92 24.22
N CYS A 587 -9.54 -4.31 24.32
CA CYS A 587 -9.92 -5.67 24.72
C CYS A 587 -9.75 -6.68 23.59
N MET A 588 -9.57 -6.18 22.36
CA MET A 588 -9.52 -7.00 21.17
C MET A 588 -8.08 -7.28 20.75
N SER A 589 -7.77 -8.54 20.49
CA SER A 589 -6.48 -8.94 19.94
C SER A 589 -6.45 -8.69 18.42
N PHE A 590 -5.25 -8.72 17.84
CA PHE A 590 -5.07 -8.56 16.40
C PHE A 590 -6.03 -9.45 15.61
N SER A 591 -6.16 -10.69 16.05
CA SER A 591 -6.99 -11.69 15.39
C SER A 591 -8.48 -11.34 15.46
N THR A 592 -8.92 -10.87 16.62
CA THR A 592 -10.31 -10.43 16.80
C THR A 592 -10.57 -9.18 15.96
N LEU A 593 -9.63 -8.24 15.98
CA LEU A 593 -9.75 -6.99 15.22
C LEU A 593 -9.90 -7.26 13.73
N SER A 594 -9.16 -8.27 13.27
CA SER A 594 -9.15 -8.63 11.86
C SER A 594 -10.51 -9.17 11.46
N GLU A 595 -11.16 -9.88 12.38
CA GLU A 595 -12.49 -10.42 12.14
C GLU A 595 -13.55 -9.32 12.17
N ILE A 596 -13.36 -8.37 13.08
CA ILE A 596 -14.26 -7.24 13.24
C ILE A 596 -14.27 -6.35 11.98
N ARG A 597 -13.09 -6.08 11.43
CA ARG A 597 -12.98 -5.25 10.25
C ARG A 597 -13.58 -5.91 9.01
N TYR A 598 -13.48 -7.24 8.95
CA TYR A 598 -14.15 -8.02 7.92
C TYR A 598 -15.67 -7.94 8.04
N SER A 599 -16.20 -8.02 9.27
CA SER A 599 -17.62 -7.79 9.51
C SER A 599 -18.06 -6.37 9.16
N LEU A 600 -17.24 -5.37 9.50
CA LEU A 600 -17.60 -3.96 9.23
C LEU A 600 -17.56 -3.69 7.73
N ARG A 601 -16.57 -4.28 7.08
CA ARG A 601 -16.46 -4.24 5.62
C ARG A 601 -17.74 -4.78 5.00
N GLU A 602 -18.17 -5.94 5.49
CA GLU A 602 -19.37 -6.62 5.02
C GLU A 602 -20.58 -5.71 5.25
N LEU A 603 -20.62 -5.10 6.43
CA LEU A 603 -21.69 -4.19 6.81
C LEU A 603 -21.82 -2.98 5.88
N VAL A 604 -20.69 -2.41 5.47
CA VAL A 604 -20.70 -1.17 4.68
C VAL A 604 -20.62 -1.40 3.17
N GLN A 605 -20.41 -2.66 2.77
CA GLN A 605 -20.40 -3.00 1.35
C GLN A 605 -21.71 -3.65 0.91
N ASP A 606 -22.42 -4.25 1.87
CA ASP A 606 -23.74 -4.83 1.63
C ASP A 606 -24.69 -4.34 2.73
N LEU A 607 -24.86 -3.01 2.82
CA LEU A 607 -25.63 -2.38 3.91
C LEU A 607 -27.05 -2.92 4.15
N PRO A 608 -27.77 -3.31 3.07
CA PRO A 608 -29.03 -4.01 3.29
C PRO A 608 -28.86 -5.50 3.63
N SER A 609 -29.47 -5.92 4.73
CA SER A 609 -29.66 -7.34 5.06
C SER A 609 -30.62 -7.44 6.25
N TYR A 610 -30.10 -7.14 7.44
CA TYR A 610 -30.95 -6.98 8.62
C TYR A 610 -31.29 -5.51 8.80
N SER A 611 -32.23 -5.25 9.70
CA SER A 611 -32.48 -3.91 10.18
C SER A 611 -31.22 -3.40 10.85
N LEU A 612 -31.18 -2.10 11.10
CA LEU A 612 -30.05 -1.48 11.79
C LEU A 612 -29.75 -2.15 13.14
N PHE A 613 -30.77 -2.36 13.96
CA PHE A 613 -30.53 -2.80 15.33
C PHE A 613 -30.42 -4.30 15.50
N ASP A 614 -30.78 -5.05 14.46
CA ASP A 614 -30.45 -6.47 14.39
C ASP A 614 -28.95 -6.65 14.14
N THR A 615 -28.39 -5.80 13.28
CA THR A 615 -26.97 -5.85 12.93
C THR A 615 -26.08 -5.51 14.12
N LEU A 616 -26.43 -4.45 14.86
CA LEU A 616 -25.73 -4.11 16.09
C LEU A 616 -25.71 -5.26 17.09
N TRP A 617 -26.83 -5.98 17.16
CA TRP A 617 -26.99 -7.08 18.12
C TRP A 617 -26.20 -8.27 17.71
N VAL A 618 -26.24 -8.59 16.41
CA VAL A 618 -25.43 -9.69 15.90
C VAL A 618 -23.95 -9.34 16.13
N PHE A 619 -23.59 -8.10 15.80
CA PHE A 619 -22.22 -7.62 15.93
C PHE A 619 -21.71 -7.76 17.36
N TYR A 620 -22.51 -7.28 18.32
CA TYR A 620 -22.18 -7.40 19.72
C TYR A 620 -22.01 -8.87 20.12
N ASP A 621 -22.95 -9.70 19.66
CA ASP A 621 -22.97 -11.12 20.00
C ASP A 621 -21.74 -11.87 19.50
N LYS A 622 -21.30 -11.60 18.28
CA LYS A 622 -20.18 -12.35 17.73
C LYS A 622 -18.81 -11.78 18.09
N HIS A 623 -18.71 -10.45 18.19
CA HIS A 623 -17.40 -9.79 18.32
C HIS A 623 -17.08 -9.14 19.63
N ILE A 624 -18.09 -8.65 20.33
CA ILE A 624 -17.85 -7.96 21.58
C ILE A 624 -18.05 -8.88 22.78
N TYR A 625 -19.25 -9.42 22.93
CA TYR A 625 -19.61 -10.26 24.07
C TYR A 625 -18.53 -11.30 24.45
N PRO A 626 -18.05 -12.11 23.47
CA PRO A 626 -17.05 -13.12 23.86
C PRO A 626 -15.69 -12.56 24.26
N ASN A 627 -15.45 -11.29 24.00
CA ASN A 627 -14.15 -10.69 24.26
C ASN A 627 -14.13 -9.77 25.47
N VAL A 628 -15.31 -9.42 25.97
CA VAL A 628 -15.41 -8.46 27.06
C VAL A 628 -16.02 -9.08 28.33
N ASP A 629 -15.25 -8.95 29.41
CA ASP A 629 -15.58 -9.42 30.75
C ASP A 629 -16.89 -8.81 31.30
N PRO A 630 -17.79 -9.66 31.86
CA PRO A 630 -19.06 -9.27 32.51
C PRO A 630 -18.98 -8.09 33.48
N ASP A 631 -17.97 -8.06 34.35
CA ASP A 631 -17.74 -6.91 35.25
C ASP A 631 -17.46 -5.64 34.44
N TYR A 632 -16.64 -5.77 33.41
CA TYR A 632 -16.24 -4.61 32.59
C TYR A 632 -17.42 -4.05 31.79
N ILE A 633 -18.34 -4.91 31.38
CA ILE A 633 -19.59 -4.49 30.76
C ILE A 633 -20.39 -3.65 31.77
N SER A 634 -20.56 -4.21 32.96
CA SER A 634 -21.28 -3.57 34.05
C SER A 634 -20.65 -2.23 34.42
N THR A 635 -19.32 -2.19 34.46
CA THR A 635 -18.58 -0.96 34.71
C THR A 635 -18.90 0.13 33.69
N LEU A 636 -18.92 -0.23 32.40
CA LEU A 636 -19.25 0.73 31.35
C LEU A 636 -20.68 1.21 31.44
N ILE A 637 -21.61 0.27 31.63
CA ILE A 637 -23.02 0.62 31.81
C ILE A 637 -23.16 1.67 32.89
N ASP A 638 -22.66 1.36 34.08
CA ASP A 638 -22.85 2.20 35.25
C ASP A 638 -22.22 3.59 35.11
N THR A 639 -21.00 3.66 34.56
CA THR A 639 -20.36 4.97 34.37
C THR A 639 -21.03 5.76 33.26
N LEU A 640 -21.66 5.08 32.30
CA LEU A 640 -22.40 5.79 31.25
C LEU A 640 -23.73 6.37 31.74
N VAL A 641 -24.42 5.63 32.61
CA VAL A 641 -25.67 6.08 33.22
C VAL A 641 -25.45 7.31 34.12
N SER A 642 -24.26 7.41 34.71
CA SER A 642 -23.96 8.49 35.65
C SER A 642 -23.77 9.84 34.95
N LEU A 643 -23.69 9.81 33.62
CA LEU A 643 -23.40 11.03 32.87
C LEU A 643 -24.69 11.74 32.46
N GLU A 644 -24.69 13.06 32.60
CA GLU A 644 -25.81 13.87 32.12
C GLU A 644 -25.70 14.04 30.61
N ASN A 645 -26.58 13.33 29.90
CA ASN A 645 -26.61 13.32 28.42
C ASN A 645 -25.29 12.89 27.74
N PRO A 646 -24.92 11.61 27.88
CA PRO A 646 -23.68 11.11 27.27
C PRO A 646 -23.69 11.15 25.74
N MET A 647 -24.84 10.85 25.14
CA MET A 647 -24.96 10.81 23.68
C MET A 647 -24.60 12.16 23.06
N ARG A 648 -25.12 13.24 23.62
CA ARG A 648 -24.81 14.59 23.14
C ARG A 648 -23.31 14.85 23.26
N ASP A 649 -22.73 14.42 24.38
CA ASP A 649 -21.31 14.64 24.68
C ASP A 649 -20.40 14.01 23.65
N ILE A 650 -20.57 12.72 23.38
CA ILE A 650 -19.75 12.07 22.33
C ILE A 650 -20.07 12.56 20.95
N ASP A 651 -21.35 12.87 20.70
CA ASP A 651 -21.76 13.50 19.46
C ASP A 651 -20.92 14.74 19.19
N SER A 652 -20.76 15.60 20.20
CA SER A 652 -19.96 16.82 20.10
C SER A 652 -18.48 16.54 19.94
N LEU A 653 -17.96 15.60 20.73
CA LEU A 653 -16.56 15.20 20.62
C LEU A 653 -16.25 14.61 19.24
N ILE A 654 -17.14 13.72 18.75
CA ILE A 654 -17.03 13.17 17.40
C ILE A 654 -17.05 14.28 16.35
N GLN A 655 -17.83 15.33 16.61
CA GLN A 655 -17.85 16.48 15.73
C GLN A 655 -16.50 17.21 15.75
N ARG A 656 -15.91 17.36 16.93
CA ARG A 656 -14.60 18.00 17.07
C ARG A 656 -13.51 17.26 16.31
N LEU A 657 -13.50 15.92 16.45
CA LEU A 657 -12.44 15.09 15.91
C LEU A 657 -12.39 15.11 14.39
N ARG A 658 -13.57 15.16 13.77
CA ARG A 658 -13.68 15.16 12.31
C ARG A 658 -13.73 16.56 11.71
N SER A 659 -13.69 17.58 12.57
CA SER A 659 -13.75 18.98 12.14
C SER A 659 -12.42 19.43 11.58
N PHE A 660 -12.42 19.87 10.34
CA PHE A 660 -11.21 20.37 9.67
C PHE A 660 -11.48 21.58 8.80
N ASP A 661 -10.58 22.57 8.86
CA ASP A 661 -10.58 23.67 7.92
C ASP A 661 -10.38 23.20 6.48
N ILE A 662 -10.69 24.06 5.54
CA ILE A 662 -10.41 23.77 4.15
C ILE A 662 -9.52 24.87 3.58
N TYR A 663 -8.40 24.46 2.99
CA TYR A 663 -7.51 25.40 2.33
C TYR A 663 -7.85 25.44 0.86
N ASN A 664 -7.24 26.40 0.16
CA ASN A 664 -7.50 26.58 -1.25
C ASN A 664 -6.93 25.42 -2.07
N HIS A 665 -7.78 24.78 -2.86
CA HIS A 665 -7.34 23.77 -3.81
C HIS A 665 -6.46 24.42 -4.83
N SER A 666 -5.39 23.73 -5.21
CA SER A 666 -4.35 24.36 -6.00
C SER A 666 -4.27 23.95 -7.45
N ALA A 667 -3.67 24.85 -8.23
CA ALA A 667 -3.21 24.60 -9.58
C ALA A 667 -1.77 25.14 -9.70
N GLN A 668 -0.85 24.30 -10.16
CA GLN A 668 -1.16 22.94 -10.60
C GLN A 668 -0.39 21.86 -9.83
N SER A 669 0.74 21.42 -10.40
CA SER A 669 1.36 20.16 -10.01
C SER A 669 2.13 20.20 -8.69
N PRO A 670 1.84 19.25 -7.79
CA PRO A 670 2.67 19.05 -6.61
C PRO A 670 3.94 18.29 -6.99
N SER A 671 4.98 18.40 -6.16
CA SER A 671 6.17 17.58 -6.36
C SER A 671 5.83 16.16 -5.92
N LEU A 672 6.58 15.19 -6.45
CA LEU A 672 6.41 13.81 -6.00
C LEU A 672 6.68 13.69 -4.51
N PHE A 673 7.73 14.35 -4.03
CA PHE A 673 8.09 14.32 -2.63
C PHE A 673 6.96 14.82 -1.73
N LEU A 674 6.23 15.83 -2.19
CA LEU A 674 5.04 16.29 -1.46
C LEU A 674 3.99 15.18 -1.33
N CYS A 675 3.66 14.54 -2.45
CA CYS A 675 2.70 13.44 -2.45
C CYS A 675 3.12 12.33 -1.50
N ALA A 676 4.40 11.96 -1.53
CA ALA A 676 4.93 10.94 -0.62
C ALA A 676 4.79 11.36 0.84
N SER A 677 5.07 12.62 1.13
CA SER A 677 5.02 13.14 2.49
C SER A 677 3.60 13.14 3.03
N VAL A 678 2.67 13.66 2.23
CA VAL A 678 1.26 13.70 2.58
C VAL A 678 0.70 12.30 2.83
N ALA A 679 1.01 11.37 1.91
CA ALA A 679 0.58 9.97 2.04
C ALA A 679 1.01 9.33 3.35
N ARG A 680 2.24 9.60 3.79
CA ARG A 680 2.74 9.03 5.04
C ARG A 680 2.02 9.59 6.24
N VAL A 681 1.81 10.91 6.26
CA VAL A 681 1.06 11.54 7.35
C VAL A 681 -0.40 11.07 7.37
N LEU A 682 -1.04 11.03 6.19
CA LEU A 682 -2.41 10.50 6.08
C LEU A 682 -2.54 9.07 6.62
N ASP A 683 -1.65 8.19 6.18
CA ASP A 683 -1.66 6.79 6.63
C ASP A 683 -1.63 6.77 8.16
N SER A 684 -0.75 7.57 8.73
CA SER A 684 -0.56 7.64 10.17
C SER A 684 -1.80 8.23 10.89
N ILE A 685 -2.40 9.27 10.32
CA ILE A 685 -3.62 9.86 10.87
C ILE A 685 -4.81 8.92 10.74
N LEU A 686 -4.97 8.33 9.55
CA LEU A 686 -6.09 7.43 9.26
C LEU A 686 -6.15 6.18 10.14
N LYS A 687 -5.02 5.73 10.59
CA LYS A 687 -4.98 4.61 11.46
C LYS A 687 -5.54 4.93 12.82
N LYS A 688 -5.24 6.10 13.30
CA LYS A 688 -5.79 6.58 14.57
C LYS A 688 -7.29 6.87 14.44
N PHE A 689 -7.69 7.46 13.32
CA PHE A 689 -9.12 7.62 13.05
C PHE A 689 -9.89 6.29 13.08
N GLN A 690 -9.40 5.28 12.35
CA GLN A 690 -10.03 3.96 12.28
C GLN A 690 -10.21 3.31 13.65
N VAL A 691 -9.13 3.27 14.43
CA VAL A 691 -9.20 2.75 15.81
C VAL A 691 -10.19 3.56 16.66
N SER A 692 -10.19 4.88 16.49
CA SER A 692 -11.11 5.74 17.22
C SER A 692 -12.57 5.45 16.87
N ILE A 693 -12.88 5.45 15.58
CA ILE A 693 -14.23 5.17 15.08
C ILE A 693 -14.71 3.80 15.53
N GLU A 694 -13.83 2.81 15.45
CA GLU A 694 -14.16 1.46 15.89
C GLU A 694 -14.55 1.43 17.35
N GLY A 695 -13.78 2.12 18.20
CA GLY A 695 -14.09 2.17 19.63
C GLY A 695 -15.51 2.63 19.88
N PHE A 696 -15.94 3.66 19.14
CA PHE A 696 -17.29 4.21 19.28
C PHE A 696 -18.35 3.23 18.79
N ILE A 697 -18.12 2.65 17.61
CA ILE A 697 -18.97 1.56 17.10
C ILE A 697 -19.08 0.45 18.15
N PHE A 698 -17.96 0.03 18.73
CA PHE A 698 -17.99 -1.03 19.74
C PHE A 698 -18.87 -0.61 20.92
N LEU A 699 -18.72 0.66 21.32
CA LEU A 699 -19.45 1.22 22.45
C LEU A 699 -20.96 1.26 22.19
N LEU A 700 -21.34 1.82 21.04
CA LEU A 700 -22.74 1.86 20.61
C LEU A 700 -23.36 0.47 20.52
N SER A 701 -22.62 -0.48 19.98
CA SER A 701 -23.04 -1.88 19.90
C SER A 701 -23.25 -2.53 21.26
N LEU A 702 -22.41 -2.19 22.23
CA LEU A 702 -22.54 -2.71 23.59
C LEU A 702 -23.83 -2.18 24.24
N ILE A 703 -23.99 -0.86 24.19
CA ILE A 703 -25.09 -0.13 24.79
C ILE A 703 -26.46 -0.64 24.32
N THR A 704 -26.63 -0.79 23.01
CA THR A 704 -27.93 -1.13 22.43
C THR A 704 -28.26 -2.62 22.57
N SER A 705 -27.37 -3.37 23.21
CA SER A 705 -27.61 -4.78 23.48
C SER A 705 -27.86 -5.02 24.98
N GLN A 706 -27.81 -3.95 25.76
CA GLN A 706 -28.02 -4.03 27.20
C GLN A 706 -29.49 -3.98 27.60
N GLN A 707 -29.87 -4.88 28.51
CA GLN A 707 -31.20 -4.83 29.12
C GLN A 707 -31.19 -3.90 30.33
N ASP A 708 -30.91 -2.63 30.08
CA ASP A 708 -30.94 -1.59 31.10
C ASP A 708 -31.66 -0.42 30.51
N TYR A 709 -32.86 -0.16 31.02
CA TYR A 709 -33.76 0.83 30.45
C TYR A 709 -33.16 2.24 30.44
N GLU A 710 -32.57 2.66 31.55
CA GLU A 710 -32.09 4.04 31.65
C GLU A 710 -30.87 4.31 30.75
N LEU A 711 -30.00 3.30 30.63
CA LEU A 711 -28.85 3.41 29.75
C LEU A 711 -29.32 3.61 28.32
N GLN A 712 -30.17 2.69 27.87
CA GLN A 712 -30.62 2.71 26.49
C GLN A 712 -31.55 3.89 26.20
N SER A 713 -32.28 4.32 27.22
CA SER A 713 -33.12 5.52 27.13
C SER A 713 -32.25 6.75 26.85
N LYS A 714 -31.09 6.79 27.50
CA LYS A 714 -30.12 7.86 27.29
C LYS A 714 -29.49 7.85 25.89
N PHE A 715 -29.67 6.75 25.15
CA PHE A 715 -29.14 6.63 23.79
C PHE A 715 -30.20 6.39 22.72
N ALA A 716 -31.46 6.73 23.03
CA ALA A 716 -32.62 6.46 22.15
C ALA A 716 -32.56 6.73 20.63
N GLY A 717 -31.87 7.75 20.18
CA GLY A 717 -31.82 8.04 18.74
C GLY A 717 -30.38 7.97 18.23
N CYS A 718 -29.66 6.90 18.60
CA CYS A 718 -28.23 6.78 18.28
C CYS A 718 -27.95 6.15 16.92
N ASP A 719 -29.00 5.70 16.23
CA ASP A 719 -28.89 5.13 14.88
C ASP A 719 -28.22 6.06 13.86
N LYS A 720 -28.54 7.35 13.92
CA LYS A 720 -27.93 8.33 13.03
C LYS A 720 -26.44 8.52 13.35
N LEU A 721 -26.11 8.44 14.63
CA LEU A 721 -24.73 8.52 15.08
C LEU A 721 -23.95 7.27 14.61
N PHE A 722 -24.56 6.11 14.78
CA PHE A 722 -23.96 4.85 14.34
C PHE A 722 -23.72 4.83 12.83
N LEU A 723 -24.74 5.18 12.05
CA LEU A 723 -24.63 5.20 10.59
C LEU A 723 -23.52 6.13 10.11
N SER A 724 -23.45 7.30 10.76
CA SER A 724 -22.41 8.30 10.52
C SER A 724 -21.00 7.72 10.78
N LEU A 725 -20.88 6.90 11.81
CA LEU A 725 -19.61 6.29 12.15
C LEU A 725 -19.22 5.20 11.14
N LEU A 726 -20.22 4.43 10.70
CA LEU A 726 -20.01 3.40 9.70
C LEU A 726 -19.53 4.01 8.39
N GLU A 727 -20.04 5.20 8.10
CA GLU A 727 -19.66 5.89 6.88
C GLU A 727 -18.23 6.41 6.98
N ASP A 728 -17.88 6.96 8.14
CA ASP A 728 -16.52 7.35 8.44
C ASP A 728 -15.58 6.14 8.31
N TRP A 729 -15.94 5.05 9.00
CA TRP A 729 -15.15 3.83 8.97
C TRP A 729 -14.88 3.42 7.57
N ARG A 730 -15.91 3.45 6.73
CA ARG A 730 -15.80 3.03 5.34
C ARG A 730 -14.73 3.82 4.61
N LEU A 731 -14.83 5.14 4.66
CA LEU A 731 -13.94 6.00 3.88
C LEU A 731 -12.53 5.91 4.39
N VAL A 732 -12.38 5.86 5.70
CA VAL A 732 -11.08 5.72 6.34
C VAL A 732 -10.43 4.38 5.97
N SER A 733 -11.16 3.28 6.13
CA SER A 733 -10.63 1.94 5.83
C SER A 733 -10.34 1.78 4.34
N PHE A 734 -11.20 2.36 3.50
CA PHE A 734 -10.93 2.44 2.07
C PHE A 734 -9.56 3.07 1.78
N LEU A 735 -9.34 4.27 2.30
CA LEU A 735 -8.06 4.94 2.10
C LEU A 735 -6.85 4.21 2.70
N LEU A 736 -7.04 3.52 3.84
CA LEU A 736 -5.98 2.72 4.42
C LEU A 736 -5.57 1.57 3.48
N GLU A 737 -6.54 1.04 2.75
CA GLU A 737 -6.27 0.04 1.72
C GLU A 737 -5.50 0.67 0.55
N ASN A 738 -5.64 1.98 0.38
CA ASN A 738 -4.92 2.67 -0.71
C ASN A 738 -3.44 2.89 -0.37
N SER A 739 -3.12 2.80 0.92
CA SER A 739 -1.79 3.15 1.41
C SER A 739 -0.71 2.19 0.93
N ALA A 740 -1.03 0.89 0.90
CA ALA A 740 -0.08 -0.13 0.45
C ALA A 740 -0.33 -0.59 -0.99
N LEU A 741 -1.26 0.06 -1.66
CA LEU A 741 -1.65 -0.31 -3.01
C LEU A 741 -0.68 0.23 -4.04
N LEU A 742 0.14 -0.66 -4.58
CA LEU A 742 1.17 -0.26 -5.54
C LEU A 742 0.61 -0.14 -6.93
N LEU A 743 0.89 0.99 -7.56
CA LEU A 743 0.37 1.32 -8.87
C LEU A 743 1.20 0.70 -9.98
N GLU A 744 0.56 0.44 -11.11
CA GLU A 744 1.24 -0.13 -12.27
C GLU A 744 2.05 0.92 -13.02
N LYS A 745 3.19 0.47 -13.56
CA LYS A 745 4.04 1.29 -14.43
C LYS A 745 4.09 0.67 -15.82
N PHE A 746 4.12 1.53 -16.84
CA PHE A 746 4.05 1.07 -18.23
C PHE A 746 5.36 1.26 -18.99
N THR A 760 0.18 19.59 -16.68
CA THR A 760 -1.06 19.69 -15.93
C THR A 760 -0.87 19.15 -14.51
N MET A 761 -1.38 17.94 -14.24
CA MET A 761 -1.03 17.21 -13.03
C MET A 761 -0.21 15.99 -13.47
N GLU A 762 1.10 16.19 -13.52
CA GLU A 762 2.06 15.22 -14.00
C GLU A 762 2.33 14.19 -12.91
N ALA A 763 2.19 14.61 -11.66
CA ALA A 763 2.45 13.77 -10.51
C ALA A 763 1.51 12.57 -10.48
N LEU A 764 0.30 12.74 -11.02
CA LEU A 764 -0.71 11.69 -11.03
C LEU A 764 -0.29 10.42 -11.78
N ALA A 765 0.61 10.59 -12.75
CA ALA A 765 1.06 9.50 -13.60
C ALA A 765 2.42 8.92 -13.19
N SER A 766 3.06 9.50 -12.18
CA SER A 766 4.43 9.12 -11.79
C SER A 766 4.51 8.64 -10.34
N VAL A 767 3.44 8.89 -9.61
CA VAL A 767 3.28 8.49 -8.21
C VAL A 767 3.31 6.96 -8.04
N ASN A 768 3.69 6.49 -6.86
CA ASN A 768 3.89 5.04 -6.63
C ASN A 768 2.74 4.30 -5.95
N THR A 769 1.97 4.99 -5.12
CA THR A 769 0.87 4.34 -4.42
C THR A 769 -0.47 5.00 -4.71
N ALA A 770 -1.54 4.26 -4.49
CA ALA A 770 -2.90 4.79 -4.60
C ALA A 770 -3.15 5.95 -3.62
N LEU A 771 -2.53 5.91 -2.44
CA LEU A 771 -2.72 6.98 -1.46
C LEU A 771 -1.95 8.25 -1.82
N GLN A 772 -0.82 8.10 -2.52
CA GLN A 772 -0.08 9.24 -3.05
C GLN A 772 -0.86 9.89 -4.19
N PHE A 773 -1.52 9.07 -5.01
CA PHE A 773 -2.41 9.53 -6.08
C PHE A 773 -3.57 10.33 -5.49
N PHE A 774 -4.23 9.79 -4.46
CA PHE A 774 -5.26 10.53 -3.73
C PHE A 774 -4.70 11.85 -3.19
N SER A 775 -3.48 11.81 -2.65
CA SER A 775 -2.86 12.99 -2.08
C SER A 775 -2.72 14.07 -3.13
N ALA A 776 -2.31 13.67 -4.33
CA ALA A 776 -2.13 14.61 -5.43
C ALA A 776 -3.43 15.27 -5.86
N LEU A 777 -4.54 14.53 -5.83
CA LEU A 777 -5.85 15.09 -6.21
C LEU A 777 -6.36 16.15 -5.23
N ASN A 778 -5.85 16.11 -4.00
CA ASN A 778 -6.29 17.04 -2.97
C ASN A 778 -5.25 18.12 -2.70
N TYR A 779 -4.30 18.26 -3.63
CA TYR A 779 -3.20 19.20 -3.48
C TYR A 779 -3.73 20.61 -3.22
N SER A 780 -3.18 21.25 -2.20
CA SER A 780 -3.73 22.51 -1.73
C SER A 780 -2.70 23.48 -1.19
N GLU A 781 -3.04 24.76 -1.25
CA GLU A 781 -2.18 25.81 -0.73
C GLU A 781 -2.97 26.77 0.12
N CYS A 782 -2.26 27.44 1.03
CA CYS A 782 -2.82 28.55 1.80
C CYS A 782 -2.50 29.83 1.04
N PHE A 783 -3.51 30.41 0.41
CA PHE A 783 -3.29 31.56 -0.47
C PHE A 783 -2.92 32.85 0.26
N SER A 784 -3.61 33.12 1.38
CA SER A 784 -3.38 34.36 2.13
C SER A 784 -2.07 34.38 2.90
N GLU A 785 -1.66 33.22 3.42
CA GLU A 785 -0.53 33.13 4.32
C GLU A 785 0.59 32.19 3.84
N SER A 786 1.81 32.72 3.80
CA SER A 786 3.00 31.95 3.37
C SER A 786 3.55 31.03 4.45
N GLN A 787 3.48 31.47 5.70
CA GLN A 787 4.03 30.71 6.85
C GLN A 787 3.36 29.34 7.07
N ILE A 788 2.37 29.00 6.26
CA ILE A 788 1.81 27.65 6.19
C ILE A 788 2.24 26.98 4.88
N SER A 789 2.84 25.79 4.99
CA SER A 789 3.33 25.02 3.84
C SER A 789 2.21 24.26 3.13
N PRO A 790 2.37 23.97 1.82
CA PRO A 790 1.39 23.16 1.08
C PRO A 790 1.25 21.76 1.65
N LEU A 791 2.22 21.32 2.46
CA LEU A 791 2.13 20.03 3.14
C LEU A 791 0.94 20.00 4.11
N HIS A 792 0.95 20.91 5.09
CA HIS A 792 -0.15 21.01 6.05
C HIS A 792 -1.50 21.26 5.39
N ALA A 793 -1.51 22.04 4.32
CA ALA A 793 -2.76 22.37 3.64
C ALA A 793 -3.34 21.16 2.93
N THR A 794 -2.49 20.37 2.30
CA THR A 794 -2.94 19.18 1.57
C THR A 794 -3.51 18.13 2.53
N VAL A 795 -2.79 17.86 3.61
CA VAL A 795 -3.28 16.96 4.64
C VAL A 795 -4.67 17.42 5.09
N ILE A 796 -4.74 18.64 5.63
CA ILE A 796 -5.99 19.20 6.15
C ILE A 796 -7.12 19.13 5.12
N SER A 797 -6.82 19.52 3.88
CA SER A 797 -7.82 19.45 2.80
C SER A 797 -8.29 18.02 2.56
N SER A 798 -7.34 17.08 2.49
CA SER A 798 -7.64 15.66 2.32
C SER A 798 -8.54 15.14 3.42
N LEU A 799 -8.21 15.49 4.66
CA LEU A 799 -9.04 15.13 5.81
C LEU A 799 -10.44 15.71 5.70
N SER A 800 -10.52 16.97 5.28
CA SER A 800 -11.80 17.64 5.05
C SER A 800 -12.64 16.88 4.04
N ALA A 801 -12.03 16.50 2.92
CA ALA A 801 -12.72 15.72 1.89
C ALA A 801 -13.24 14.38 2.41
N ILE A 802 -12.62 13.87 3.46
CA ILE A 802 -13.01 12.58 4.03
C ILE A 802 -14.23 12.74 4.93
N PHE A 803 -14.24 13.80 5.74
CA PHE A 803 -15.25 13.91 6.80
C PHE A 803 -16.41 14.89 6.57
N ILE A 804 -16.22 15.91 5.73
CA ILE A 804 -17.27 16.92 5.58
C ILE A 804 -18.26 16.49 4.51
N ARG A 805 -19.49 16.23 4.95
CA ARG A 805 -20.47 15.47 4.18
C ARG A 805 -21.76 16.23 3.89
N ASP A 806 -22.55 15.71 2.95
CA ASP A 806 -23.88 16.25 2.59
C ASP A 806 -24.58 15.37 1.54
N ASP A 807 -25.88 15.60 1.36
CA ASP A 807 -26.70 14.88 0.38
C ASP A 807 -26.18 15.10 -1.05
N THR A 808 -25.84 16.36 -1.33
CA THR A 808 -25.47 16.82 -2.67
C THR A 808 -24.14 16.26 -3.22
N GLU A 809 -23.19 15.98 -2.32
CA GLU A 809 -21.87 15.50 -2.74
C GLU A 809 -21.88 14.11 -3.36
N ASN A 810 -20.90 13.90 -4.23
CA ASN A 810 -20.62 12.58 -4.78
C ASN A 810 -19.78 11.79 -3.79
N ASP A 811 -19.78 10.47 -3.97
CA ASP A 811 -19.05 9.58 -3.10
C ASP A 811 -17.54 9.62 -3.36
N LEU A 812 -16.79 9.69 -2.27
CA LEU A 812 -15.32 9.72 -2.32
C LEU A 812 -14.70 8.49 -3.00
N VAL A 813 -15.29 7.32 -2.76
CA VAL A 813 -14.78 6.09 -3.40
C VAL A 813 -14.94 6.21 -4.90
N THR A 814 -16.12 6.63 -5.34
CA THR A 814 -16.38 6.75 -6.78
C THR A 814 -15.40 7.74 -7.40
N GLU A 815 -15.23 8.88 -6.76
CA GLU A 815 -14.31 9.93 -7.23
C GLU A 815 -12.89 9.42 -7.37
N LEU A 816 -12.36 8.80 -6.32
CA LEU A 816 -10.98 8.34 -6.35
C LEU A 816 -10.79 7.22 -7.38
N VAL A 817 -11.66 6.21 -7.33
CA VAL A 817 -11.58 5.08 -8.27
C VAL A 817 -11.75 5.53 -9.72
N GLU A 818 -12.65 6.48 -9.94
CA GLU A 818 -12.91 7.00 -11.29
C GLU A 818 -11.64 7.62 -11.87
N LYS A 819 -10.91 8.38 -11.05
CA LYS A 819 -9.65 8.99 -11.47
C LYS A 819 -8.57 7.94 -11.75
N LEU A 820 -8.51 6.92 -10.89
CA LEU A 820 -7.55 5.83 -11.09
C LEU A 820 -7.83 5.16 -12.43
N PHE A 821 -9.11 4.99 -12.73
CA PHE A 821 -9.54 4.37 -13.96
C PHE A 821 -9.07 5.20 -15.15
N LEU A 822 -9.38 6.49 -15.14
CA LEU A 822 -8.90 7.43 -16.17
C LEU A 822 -7.40 7.34 -16.39
N PHE A 823 -6.64 7.01 -15.35
CA PHE A 823 -5.19 6.87 -15.45
C PHE A 823 -4.77 5.42 -15.67
N LYS A 824 -5.75 4.59 -16.01
CA LYS A 824 -5.50 3.22 -16.49
C LYS A 824 -4.88 2.35 -15.40
N GLN A 825 -5.17 2.69 -14.16
CA GLN A 825 -4.78 1.90 -13.00
C GLN A 825 -5.82 0.83 -12.72
N TYR A 826 -5.96 -0.08 -13.68
CA TYR A 826 -7.03 -1.06 -13.68
C TYR A 826 -6.95 -2.06 -12.55
N ASN A 827 -5.72 -2.48 -12.22
CA ASN A 827 -5.52 -3.40 -11.09
C ASN A 827 -5.94 -2.76 -9.75
N ALA A 828 -5.46 -1.54 -9.50
CA ALA A 828 -5.86 -0.78 -8.31
C ALA A 828 -7.38 -0.75 -8.19
N CYS A 829 -8.05 -0.32 -9.27
CA CYS A 829 -9.50 -0.26 -9.35
C CYS A 829 -10.17 -1.59 -8.95
N MET A 830 -9.67 -2.67 -9.55
CA MET A 830 -10.18 -4.01 -9.33
C MET A 830 -9.98 -4.46 -7.88
N GLN A 831 -8.84 -4.09 -7.30
CA GLN A 831 -8.54 -4.36 -5.91
C GLN A 831 -9.55 -3.65 -5.03
N LEU A 832 -9.96 -2.45 -5.45
CA LEU A 832 -10.81 -1.56 -4.65
C LEU A 832 -12.31 -1.64 -4.97
N ILE A 833 -12.65 -2.46 -5.96
CA ILE A 833 -14.02 -2.48 -6.50
C ILE A 833 -15.12 -2.78 -5.48
N GLY A 834 -14.80 -3.48 -4.40
CA GLY A 834 -15.79 -3.85 -3.40
C GLY A 834 -16.25 -2.68 -2.54
N TRP A 835 -15.55 -1.55 -2.62
CA TRP A 835 -15.87 -0.34 -1.88
C TRP A 835 -16.86 0.56 -2.60
N LEU A 836 -16.97 0.41 -3.92
CA LEU A 836 -17.90 1.23 -4.71
C LEU A 836 -19.33 0.92 -4.31
N ASN A 837 -20.14 1.96 -4.13
CA ASN A 837 -21.51 1.79 -3.66
C ASN A 837 -22.48 1.49 -4.81
N SER A 838 -23.78 1.61 -4.55
CA SER A 838 -24.83 1.23 -5.50
C SER A 838 -25.41 2.35 -6.37
N ASP A 839 -24.89 3.57 -6.26
CA ASP A 839 -25.25 4.66 -7.17
C ASP A 839 -24.98 4.25 -8.63
N PRO A 840 -25.83 4.71 -9.57
CA PRO A 840 -25.66 4.35 -10.97
C PRO A 840 -24.27 4.59 -11.55
N ILE A 841 -23.69 5.77 -11.30
CA ILE A 841 -22.32 6.06 -11.76
C ILE A 841 -21.32 5.03 -11.22
N ALA A 842 -21.49 4.63 -9.96
CA ALA A 842 -20.61 3.66 -9.32
C ALA A 842 -20.71 2.31 -10.00
N VAL A 843 -21.95 1.86 -10.18
CA VAL A 843 -22.23 0.58 -10.80
C VAL A 843 -21.72 0.54 -12.24
N TYR A 844 -21.93 1.64 -12.98
CA TYR A 844 -21.41 1.78 -14.33
C TYR A 844 -19.90 1.66 -14.32
N LEU A 845 -19.26 2.27 -13.32
CA LEU A 845 -17.81 2.20 -13.20
C LEU A 845 -17.35 0.78 -12.81
N LYS A 846 -18.09 0.09 -11.94
CA LYS A 846 -17.85 -1.33 -11.67
C LYS A 846 -17.80 -2.10 -12.99
N ALA A 847 -18.75 -1.81 -13.86
CA ALA A 847 -18.83 -2.48 -15.17
C ALA A 847 -17.60 -2.22 -16.05
N LEU A 848 -17.18 -0.96 -16.14
CA LEU A 848 -15.99 -0.61 -16.89
C LEU A 848 -14.73 -1.29 -16.35
N ILE A 849 -14.61 -1.37 -15.03
CA ILE A 849 -13.45 -1.99 -14.39
C ILE A 849 -13.44 -3.48 -14.73
N TYR A 850 -14.57 -4.16 -14.53
CA TYR A 850 -14.66 -5.58 -14.91
C TYR A 850 -14.35 -5.75 -16.38
N LEU A 851 -14.85 -4.83 -17.22
CA LEU A 851 -14.64 -4.93 -18.66
C LEU A 851 -13.14 -4.93 -18.94
N LYS A 852 -12.43 -4.00 -18.32
CA LYS A 852 -10.98 -3.88 -18.49
C LYS A 852 -10.20 -5.06 -17.88
N SER A 853 -10.83 -5.78 -16.95
CA SER A 853 -10.16 -6.88 -16.25
C SER A 853 -10.50 -8.24 -16.85
N LYS A 854 -11.07 -8.20 -18.06
CA LYS A 854 -11.50 -9.40 -18.80
C LYS A 854 -12.56 -10.24 -18.09
N GLU A 855 -13.44 -9.52 -17.40
CA GLU A 855 -14.52 -10.12 -16.64
C GLU A 855 -15.84 -9.72 -17.30
N ALA A 856 -15.99 -10.12 -18.55
CA ALA A 856 -17.13 -9.73 -19.41
C ALA A 856 -18.48 -10.01 -18.79
N VAL A 857 -18.65 -11.21 -18.24
CA VAL A 857 -19.93 -11.64 -17.68
C VAL A 857 -20.34 -10.76 -16.48
N LYS A 858 -19.35 -10.38 -15.67
CA LYS A 858 -19.60 -9.52 -14.53
C LYS A 858 -19.87 -8.08 -14.95
N ALA A 859 -19.15 -7.64 -15.97
CA ALA A 859 -19.36 -6.31 -16.56
C ALA A 859 -20.78 -6.15 -17.09
N VAL A 860 -21.22 -7.12 -17.88
CA VAL A 860 -22.54 -7.09 -18.52
C VAL A 860 -23.65 -7.11 -17.48
N ARG A 861 -23.46 -7.90 -16.43
CA ARG A 861 -24.41 -7.96 -15.32
C ARG A 861 -24.59 -6.59 -14.66
N CYS A 862 -23.46 -5.90 -14.44
CA CYS A 862 -23.46 -4.55 -13.85
C CYS A 862 -24.10 -3.52 -14.80
N PHE A 863 -23.77 -3.63 -16.09
CA PHE A 863 -24.37 -2.79 -17.12
C PHE A 863 -25.91 -2.85 -17.14
N LYS A 864 -26.47 -4.02 -16.86
CA LYS A 864 -27.92 -4.23 -16.92
C LYS A 864 -28.65 -3.96 -15.60
N THR A 865 -27.91 -3.73 -14.52
CA THR A 865 -28.54 -3.42 -13.24
C THR A 865 -28.40 -1.95 -12.92
N THR A 866 -27.97 -1.17 -13.91
CA THR A 866 -27.85 0.28 -13.77
C THR A 866 -28.22 0.99 -15.06
N SER A 867 -28.30 2.32 -14.98
CA SER A 867 -28.59 3.17 -16.12
C SER A 867 -27.94 4.54 -15.91
N LEU A 868 -27.49 5.14 -17.00
CA LEU A 868 -26.95 6.49 -16.98
C LEU A 868 -28.00 7.57 -17.36
N VAL A 869 -29.27 7.17 -17.34
CA VAL A 869 -30.38 8.03 -17.80
C VAL A 869 -30.45 9.41 -17.12
N LEU A 870 -30.06 9.47 -15.85
CA LEU A 870 -30.11 10.71 -15.09
C LEU A 870 -28.79 11.49 -15.11
N TYR A 871 -27.85 11.07 -15.95
CA TYR A 871 -26.47 11.59 -15.89
C TYR A 871 -25.91 12.09 -17.23
N SER A 872 -26.81 12.49 -18.14
CA SER A 872 -26.41 13.02 -19.45
C SER A 872 -25.88 14.46 -19.40
N HIS A 873 -26.00 15.11 -18.24
CA HIS A 873 -25.54 16.50 -18.08
C HIS A 873 -24.34 16.65 -17.17
N THR A 874 -24.16 15.69 -16.26
CA THR A 874 -23.14 15.75 -15.20
C THR A 874 -21.72 15.98 -15.73
N SER A 875 -21.04 16.96 -15.14
CA SER A 875 -19.73 17.41 -15.62
C SER A 875 -18.54 16.72 -14.97
N GLN A 876 -18.72 16.28 -13.72
CA GLN A 876 -17.60 15.88 -12.85
C GLN A 876 -16.79 14.64 -13.27
N PHE A 877 -17.46 13.70 -13.93
CA PHE A 877 -16.85 12.41 -14.26
C PHE A 877 -16.61 12.26 -15.75
N ALA A 878 -15.34 12.28 -16.12
CA ALA A 878 -14.94 12.15 -17.52
C ALA A 878 -15.25 10.77 -18.13
N VAL A 879 -15.53 9.76 -17.30
CA VAL A 879 -15.94 8.45 -17.84
C VAL A 879 -17.30 8.53 -18.53
N LEU A 880 -18.05 9.60 -18.25
CA LEU A 880 -19.38 9.79 -18.81
C LEU A 880 -19.38 10.45 -20.19
N ARG A 881 -18.20 10.89 -20.64
CA ARG A 881 -18.10 11.63 -21.91
C ARG A 881 -18.69 10.90 -23.12
N GLU A 882 -18.33 9.63 -23.31
CA GLU A 882 -18.81 8.86 -24.46
C GLU A 882 -20.34 8.73 -24.47
N PHE A 883 -20.92 8.49 -23.31
CA PHE A 883 -22.36 8.43 -23.19
C PHE A 883 -22.99 9.79 -23.45
N GLN A 884 -22.40 10.84 -22.88
CA GLN A 884 -22.94 12.18 -22.97
C GLN A 884 -22.83 12.80 -24.37
N GLU A 885 -21.84 12.35 -25.14
CA GLU A 885 -21.69 12.78 -26.53
C GLU A 885 -22.87 12.28 -27.36
N ILE A 886 -23.26 11.03 -27.11
CA ILE A 886 -24.41 10.40 -27.73
C ILE A 886 -25.71 11.07 -27.27
N ALA A 887 -25.80 11.36 -25.96
CA ALA A 887 -26.98 12.01 -25.41
C ALA A 887 -27.21 13.40 -26.02
N GLU A 888 -26.13 14.15 -26.18
CA GLU A 888 -26.19 15.49 -26.78
C GLU A 888 -26.57 15.42 -28.25
N LYS A 889 -25.95 14.47 -28.97
CA LYS A 889 -26.24 14.26 -30.39
C LYS A 889 -27.74 14.05 -30.63
N TYR A 890 -28.39 13.35 -29.71
CA TYR A 890 -29.82 13.04 -29.86
C TYR A 890 -30.73 13.83 -28.89
N HIS A 891 -30.29 15.06 -28.58
CA HIS A 891 -31.08 16.06 -27.84
C HIS A 891 -31.62 15.59 -26.52
N HIS A 892 -30.79 14.84 -25.78
CA HIS A 892 -31.15 14.33 -24.46
C HIS A 892 -32.54 13.72 -24.40
N GLN A 893 -32.87 13.00 -25.47
CA GLN A 893 -34.13 12.30 -25.62
C GLN A 893 -33.81 10.85 -25.87
N ASN A 894 -34.75 9.97 -25.51
CA ASN A 894 -34.58 8.53 -25.64
C ASN A 894 -33.30 8.08 -24.96
N LEU A 895 -33.18 8.41 -23.69
CA LEU A 895 -31.93 8.24 -22.97
C LEU A 895 -31.61 6.77 -22.69
N LEU A 896 -32.63 5.97 -22.41
CA LEU A 896 -32.43 4.53 -22.23
C LEU A 896 -31.73 3.97 -23.45
N SER A 897 -32.30 4.26 -24.63
CA SER A 897 -31.73 3.81 -25.91
C SER A 897 -30.30 4.30 -26.10
N CYS A 898 -30.06 5.58 -25.77
CA CYS A 898 -28.71 6.16 -25.85
C CYS A 898 -27.70 5.37 -25.02
N TYR A 899 -28.13 5.00 -23.81
CA TYR A 899 -27.33 4.20 -22.90
C TYR A 899 -27.03 2.84 -23.53
N TYR A 900 -28.07 2.16 -24.02
CA TYR A 900 -27.88 0.85 -24.68
C TYR A 900 -27.04 0.94 -25.96
N LEU A 901 -27.18 2.04 -26.72
CA LEU A 901 -26.30 2.32 -27.86
C LEU A 901 -24.86 2.47 -27.40
N HIS A 902 -24.64 3.27 -26.36
CA HIS A 902 -23.31 3.44 -25.81
C HIS A 902 -22.70 2.13 -25.39
N LEU A 903 -23.48 1.33 -24.67
CA LEU A 903 -23.04 0.02 -24.24
C LEU A 903 -22.67 -0.87 -25.42
N SER A 904 -23.52 -0.88 -26.43
CA SER A 904 -23.24 -1.64 -27.65
C SER A 904 -21.86 -1.33 -28.23
N LYS A 905 -21.58 -0.04 -28.42
CA LYS A 905 -20.30 0.41 -28.99
C LYS A 905 -19.14 0.07 -28.05
N LYS A 906 -19.42 0.04 -26.74
CA LYS A 906 -18.38 -0.23 -25.74
C LYS A 906 -18.03 -1.71 -25.69
N LEU A 907 -19.04 -2.57 -25.68
CA LEU A 907 -18.79 -4.00 -25.74
C LEU A 907 -18.08 -4.36 -27.06
N PHE A 908 -18.40 -3.60 -28.10
CA PHE A 908 -17.84 -3.80 -29.43
C PHE A 908 -16.33 -3.57 -29.48
N GLU A 909 -15.87 -2.51 -28.80
CA GLU A 909 -14.45 -2.18 -28.75
C GLU A 909 -13.66 -3.29 -28.07
N GLU A 910 -14.30 -3.95 -27.10
CA GLU A 910 -13.67 -5.02 -26.32
C GLU A 910 -13.89 -6.39 -26.97
N SER A 911 -14.48 -6.37 -28.18
CA SER A 911 -14.68 -7.58 -28.98
C SER A 911 -15.65 -8.57 -28.34
N ALA A 912 -16.55 -8.04 -27.51
CA ALA A 912 -17.64 -8.82 -26.95
C ALA A 912 -18.86 -8.67 -27.86
N TYR A 913 -18.82 -9.35 -29.00
CA TYR A 913 -19.76 -9.12 -30.09
C TYR A 913 -21.19 -9.60 -29.86
N ILE A 914 -21.37 -10.63 -29.04
CA ILE A 914 -22.72 -11.13 -28.72
C ILE A 914 -23.50 -10.13 -27.88
N ASP A 915 -22.84 -9.57 -26.87
CA ASP A 915 -23.45 -8.60 -25.97
C ASP A 915 -23.63 -7.25 -26.66
N ALA A 916 -22.64 -6.87 -27.48
CA ALA A 916 -22.72 -5.66 -28.31
C ALA A 916 -23.94 -5.71 -29.23
N LEU A 917 -24.28 -6.91 -29.70
CA LEU A 917 -25.43 -7.14 -30.57
C LEU A 917 -26.70 -7.00 -29.76
N GLU A 918 -26.77 -7.71 -28.64
CA GLU A 918 -27.96 -7.72 -27.78
C GLU A 918 -28.30 -6.31 -27.27
N PHE A 919 -27.28 -5.53 -26.91
CA PHE A 919 -27.50 -4.16 -26.44
C PHE A 919 -27.98 -3.25 -27.55
N SER A 920 -27.54 -3.53 -28.78
CA SER A 920 -27.96 -2.79 -29.96
C SER A 920 -29.45 -3.04 -30.23
N LEU A 921 -29.85 -4.31 -30.10
CA LEU A 921 -31.25 -4.72 -30.24
C LEU A 921 -32.09 -4.12 -29.13
N LEU A 922 -31.49 -4.03 -27.95
CA LEU A 922 -32.15 -3.41 -26.81
C LEU A 922 -32.33 -1.92 -27.04
N ALA A 923 -31.31 -1.26 -27.60
CA ALA A 923 -31.41 0.18 -27.93
C ALA A 923 -32.58 0.44 -28.87
N ASP A 924 -32.72 -0.45 -29.87
CA ASP A 924 -33.84 -0.39 -30.81
C ASP A 924 -35.18 -0.57 -30.12
N ALA A 925 -35.28 -1.62 -29.29
CA ALA A 925 -36.49 -1.90 -28.52
C ALA A 925 -36.87 -0.81 -27.49
N SER A 926 -35.89 0.01 -27.07
CA SER A 926 -36.07 0.94 -25.95
C SER A 926 -36.52 2.37 -26.31
N LYS A 927 -36.63 2.67 -27.60
CA LYS A 927 -37.06 4.01 -28.06
C LYS A 927 -38.45 4.34 -27.54
N GLU A 928 -38.62 5.57 -27.08
CA GLU A 928 -39.92 6.03 -26.59
C GLU A 928 -40.49 7.20 -27.42
N THR A 929 -39.62 7.81 -28.22
CA THR A 929 -39.93 9.02 -28.96
C THR A 929 -39.26 8.97 -30.33
N ASP A 930 -39.98 9.41 -31.36
CA ASP A 930 -39.49 9.41 -32.74
C ASP A 930 -38.23 10.26 -32.92
N ASP A 931 -37.21 9.64 -33.49
CA ASP A 931 -35.95 10.29 -33.84
C ASP A 931 -35.36 9.43 -34.97
N GLU A 932 -35.37 9.97 -36.18
CA GLU A 932 -34.89 9.22 -37.34
C GLU A 932 -33.37 9.07 -37.28
N ASP A 933 -32.70 10.12 -36.83
CA ASP A 933 -31.25 10.13 -36.75
C ASP A 933 -30.77 9.08 -35.77
N LEU A 934 -31.52 8.93 -34.68
CA LEU A 934 -31.21 7.93 -33.65
C LEU A 934 -31.50 6.53 -34.18
N SER A 935 -32.65 6.38 -34.83
CA SER A 935 -33.08 5.12 -35.43
C SER A 935 -32.03 4.62 -36.41
N ILE A 936 -31.59 5.52 -37.29
CA ILE A 936 -30.58 5.21 -38.30
C ILE A 936 -29.29 4.76 -37.62
N ALA A 937 -28.84 5.51 -36.61
CA ALA A 937 -27.59 5.23 -35.91
C ALA A 937 -27.63 3.87 -35.22
N ILE A 938 -28.78 3.52 -34.65
CA ILE A 938 -28.98 2.22 -34.01
C ILE A 938 -28.93 1.06 -35.01
N THR A 939 -29.65 1.19 -36.12
CA THR A 939 -29.68 0.13 -37.14
C THR A 939 -28.31 0.01 -37.80
N HIS A 940 -27.62 1.14 -37.93
CA HIS A 940 -26.21 1.15 -38.34
C HIS A 940 -25.39 0.28 -37.42
N GLU A 941 -25.50 0.54 -36.11
CA GLU A 941 -24.79 -0.27 -35.12
C GLU A 941 -25.19 -1.74 -35.11
N THR A 942 -26.48 -2.02 -35.27
CA THR A 942 -26.93 -3.41 -35.36
C THR A 942 -26.19 -4.17 -36.46
N LEU A 943 -26.14 -3.58 -37.66
CA LEU A 943 -25.43 -4.19 -38.79
C LEU A 943 -24.00 -4.47 -38.40
N LYS A 944 -23.29 -3.42 -38.02
CA LYS A 944 -21.90 -3.48 -37.58
C LYS A 944 -21.64 -4.58 -36.53
N THR A 945 -22.61 -4.78 -35.64
CA THR A 945 -22.43 -5.72 -34.52
C THR A 945 -22.80 -7.17 -34.87
N ALA A 946 -23.97 -7.34 -35.51
CA ALA A 946 -24.41 -8.66 -36.00
C ALA A 946 -23.37 -9.30 -36.91
N CYS A 947 -22.84 -8.50 -37.85
CA CYS A 947 -21.83 -8.94 -38.80
C CYS A 947 -20.56 -9.44 -38.11
N ALA A 948 -20.17 -8.78 -37.02
CA ALA A 948 -18.96 -9.12 -36.30
C ALA A 948 -19.12 -10.39 -35.45
N ALA A 949 -20.35 -10.69 -35.07
CA ALA A 949 -20.64 -11.87 -34.25
C ALA A 949 -20.88 -13.12 -35.09
N GLY A 950 -21.36 -12.92 -36.32
CA GLY A 950 -21.70 -14.02 -37.22
C GLY A 950 -23.15 -14.43 -37.09
N ASN B 8 -14.25 -36.96 -37.20
CA ASN B 8 -13.13 -36.91 -36.21
C ASN B 8 -13.51 -36.17 -34.93
N GLN B 9 -14.43 -35.21 -35.05
CA GLN B 9 -14.99 -34.50 -33.91
C GLN B 9 -16.49 -34.22 -34.12
N TYR B 10 -17.27 -34.28 -33.04
CA TYR B 10 -18.71 -34.03 -33.14
C TYR B 10 -19.06 -32.59 -32.80
N GLN B 11 -20.08 -32.06 -33.47
CA GLN B 11 -20.53 -30.70 -33.24
C GLN B 11 -22.06 -30.61 -33.26
N LEU B 12 -22.60 -29.67 -32.49
CA LEU B 12 -24.03 -29.52 -32.33
C LEU B 12 -24.34 -28.05 -32.01
N PRO B 13 -25.27 -27.43 -32.75
CA PRO B 13 -25.63 -26.03 -32.49
C PRO B 13 -26.41 -25.85 -31.18
N LEU B 14 -26.43 -24.62 -30.68
CA LEU B 14 -27.16 -24.29 -29.46
C LEU B 14 -28.19 -23.20 -29.72
N ASN B 15 -29.39 -23.38 -29.18
CA ASN B 15 -30.46 -22.38 -29.32
C ASN B 15 -30.34 -21.29 -28.27
N VAL B 16 -29.66 -21.60 -27.17
CA VAL B 16 -29.55 -20.68 -26.04
C VAL B 16 -28.09 -20.48 -25.62
N ARG B 17 -27.76 -19.24 -25.23
CA ARG B 17 -26.39 -18.84 -24.85
C ARG B 17 -25.87 -19.50 -23.56
N PRO B 18 -24.75 -20.23 -23.66
CA PRO B 18 -24.18 -21.01 -22.56
C PRO B 18 -23.24 -20.22 -21.64
N TYR B 19 -22.98 -20.77 -20.46
CA TYR B 19 -22.01 -20.16 -19.55
C TYR B 19 -20.97 -21.16 -19.05
N THR B 20 -21.40 -22.39 -18.82
CA THR B 20 -20.57 -23.40 -18.18
C THR B 20 -20.89 -24.82 -18.69
N THR B 21 -19.88 -25.70 -18.68
CA THR B 21 -20.03 -27.11 -19.11
C THR B 21 -19.40 -28.03 -18.09
N THR B 22 -20.13 -29.06 -17.70
CA THR B 22 -19.59 -30.05 -16.78
C THR B 22 -20.04 -31.49 -17.08
N TRP B 23 -19.18 -32.44 -16.74
CA TRP B 23 -19.46 -33.86 -16.89
C TRP B 23 -19.88 -34.49 -15.60
N CYS B 24 -20.88 -35.36 -15.67
CA CYS B 24 -21.23 -36.19 -14.53
C CYS B 24 -20.19 -37.26 -14.35
N SER B 25 -19.37 -37.10 -13.32
CA SER B 25 -18.32 -38.06 -12.99
C SER B 25 -18.54 -38.60 -11.59
N GLN B 26 -19.41 -37.94 -10.84
CA GLN B 26 -19.69 -38.25 -9.44
C GLN B 26 -20.68 -39.41 -9.33
N SER B 27 -21.47 -39.63 -10.39
CA SER B 27 -22.42 -40.73 -10.45
C SER B 27 -22.01 -41.72 -11.55
N PRO B 28 -21.80 -43.00 -11.18
CA PRO B 28 -21.29 -44.02 -12.10
C PRO B 28 -22.26 -44.35 -13.24
N SER B 29 -23.54 -44.47 -12.91
CA SER B 29 -24.56 -44.85 -13.90
C SER B 29 -24.94 -43.72 -14.85
N CYS B 30 -24.56 -42.50 -14.51
CA CYS B 30 -24.81 -41.32 -15.35
C CYS B 30 -23.52 -40.75 -15.93
N SER B 31 -22.44 -41.52 -15.86
CA SER B 31 -21.11 -41.07 -16.25
C SER B 31 -20.99 -40.58 -17.70
N ASN B 32 -22.08 -40.69 -18.46
CA ASN B 32 -22.05 -40.33 -19.87
C ASN B 32 -22.86 -39.08 -20.24
N LEU B 33 -23.23 -38.29 -19.25
CA LEU B 33 -23.95 -37.07 -19.60
C LEU B 33 -23.25 -35.74 -19.28
N LEU B 34 -23.61 -34.75 -20.09
CA LEU B 34 -23.02 -33.43 -20.06
C LEU B 34 -24.11 -32.40 -19.79
N ALA B 35 -23.82 -31.48 -18.87
CA ALA B 35 -24.73 -30.38 -18.58
C ALA B 35 -24.17 -29.07 -19.13
N ILE B 36 -25.03 -28.30 -19.79
CA ILE B 36 -24.70 -26.94 -20.19
C ILE B 36 -25.55 -25.95 -19.40
N GLY B 37 -24.90 -25.22 -18.52
CA GLY B 37 -25.54 -24.12 -17.80
C GLY B 37 -25.66 -22.93 -18.74
N HIS B 38 -26.88 -22.43 -18.90
CA HIS B 38 -27.13 -21.37 -19.87
C HIS B 38 -28.12 -20.34 -19.36
N ASP B 39 -28.48 -19.41 -20.24
CA ASP B 39 -29.32 -18.25 -19.91
C ASP B 39 -30.60 -18.53 -19.13
N THR B 40 -31.31 -19.59 -19.47
CA THR B 40 -32.62 -19.85 -18.82
C THR B 40 -32.66 -21.16 -18.04
N GLY B 41 -31.52 -21.82 -17.92
CA GLY B 41 -31.43 -23.05 -17.15
C GLY B 41 -30.30 -23.98 -17.53
N ILE B 42 -30.64 -25.26 -17.64
CA ILE B 42 -29.65 -26.33 -17.79
C ILE B 42 -30.11 -27.39 -18.76
N THR B 43 -29.43 -27.48 -19.90
CA THR B 43 -29.67 -28.54 -20.87
C THR B 43 -28.75 -29.72 -20.58
N ILE B 44 -29.35 -30.91 -20.56
CA ILE B 44 -28.61 -32.17 -20.39
C ILE B 44 -28.44 -32.86 -21.74
N TYR B 45 -27.22 -33.27 -22.04
CA TYR B 45 -26.91 -34.04 -23.24
C TYR B 45 -26.45 -35.42 -22.85
N CYS B 46 -26.67 -36.39 -23.72
CA CYS B 46 -26.15 -37.73 -23.50
C CYS B 46 -25.03 -38.03 -24.49
N ALA B 47 -23.92 -38.56 -23.97
CA ALA B 47 -22.86 -39.06 -24.84
C ALA B 47 -23.18 -40.50 -25.18
N SER B 48 -23.45 -40.73 -26.46
CA SER B 48 -23.76 -42.05 -26.97
C SER B 48 -22.59 -42.54 -27.84
N GLU B 49 -22.16 -43.77 -27.60
CA GLU B 49 -21.01 -44.36 -28.28
C GLU B 49 -21.28 -44.62 -29.77
N GLU B 50 -22.57 -44.69 -30.12
CA GLU B 50 -23.01 -45.07 -31.46
C GLU B 50 -22.51 -44.18 -32.60
N GLN B 51 -22.00 -44.84 -33.62
CA GLN B 51 -21.70 -44.24 -34.91
C GLN B 51 -22.01 -45.30 -35.97
N THR B 52 -23.07 -45.06 -36.73
CA THR B 52 -23.70 -46.09 -37.57
C THR B 52 -22.88 -46.70 -38.74
N PRO B 53 -22.01 -45.90 -39.41
CA PRO B 53 -21.21 -46.48 -40.50
C PRO B 53 -20.35 -47.69 -40.09
N GLY B 54 -20.05 -47.80 -38.79
CA GLY B 54 -19.26 -48.92 -38.28
C GLY B 54 -17.89 -48.49 -37.81
N SER B 55 -17.86 -47.62 -36.81
CA SER B 55 -16.62 -47.04 -36.28
C SER B 55 -16.80 -46.52 -34.86
N THR B 56 -15.67 -46.24 -34.21
CA THR B 56 -15.67 -45.54 -32.93
C THR B 56 -15.91 -44.07 -33.20
N GLY B 57 -16.54 -43.38 -32.26
CA GLY B 57 -16.84 -41.96 -32.41
C GLY B 57 -18.12 -41.57 -31.71
N LEU B 58 -17.98 -40.75 -30.67
CA LEU B 58 -19.10 -40.34 -29.83
C LEU B 58 -19.94 -39.23 -30.48
N THR B 59 -21.19 -39.14 -30.05
CA THR B 59 -22.10 -38.10 -30.48
C THR B 59 -22.83 -37.56 -29.25
N LEU B 60 -23.44 -36.38 -29.38
CA LEU B 60 -24.25 -35.82 -28.29
C LEU B 60 -25.73 -35.78 -28.68
N GLN B 61 -26.56 -36.30 -27.79
CA GLN B 61 -28.00 -36.23 -27.99
C GLN B 61 -28.59 -35.25 -26.97
N GLU B 62 -29.19 -34.18 -27.48
CA GLU B 62 -29.84 -33.19 -26.63
C GLU B 62 -31.08 -33.80 -26.00
N LEU B 63 -30.96 -34.18 -24.73
CA LEU B 63 -32.05 -34.84 -24.01
C LEU B 63 -33.22 -33.91 -23.66
N PHE B 64 -32.97 -32.93 -22.78
CA PHE B 64 -34.01 -32.02 -22.30
C PHE B 64 -33.41 -30.79 -21.63
N THR B 65 -34.25 -29.79 -21.36
CA THR B 65 -33.81 -28.56 -20.71
C THR B 65 -34.58 -28.24 -19.44
N ILE B 66 -33.85 -28.17 -18.32
CA ILE B 66 -34.42 -27.76 -17.04
C ILE B 66 -34.56 -26.24 -17.05
N GLN B 67 -35.79 -25.75 -17.09
CA GLN B 67 -36.05 -24.31 -17.09
C GLN B 67 -36.10 -23.76 -15.66
N THR B 68 -35.15 -22.88 -15.35
CA THR B 68 -35.08 -22.24 -14.04
C THR B 68 -35.50 -20.77 -14.12
N GLY B 69 -35.48 -20.24 -15.34
CA GLY B 69 -35.85 -18.85 -15.60
C GLY B 69 -34.73 -17.83 -15.42
N LEU B 70 -33.51 -18.31 -15.19
CA LEU B 70 -32.34 -17.43 -15.00
C LEU B 70 -31.02 -18.15 -15.26
N PRO B 71 -29.95 -17.38 -15.59
CA PRO B 71 -28.65 -17.96 -15.95
C PRO B 71 -28.03 -18.86 -14.88
N THR B 72 -27.55 -20.03 -15.31
CA THR B 72 -26.71 -20.91 -14.49
C THR B 72 -25.27 -20.65 -14.89
N LEU B 73 -24.45 -20.21 -13.94
CA LEU B 73 -23.08 -19.75 -14.24
C LEU B 73 -22.04 -20.83 -13.90
N HIS B 74 -22.35 -21.59 -12.86
CA HIS B 74 -21.50 -22.67 -12.38
C HIS B 74 -22.40 -23.76 -11.92
N LEU B 75 -21.88 -24.99 -11.96
CA LEU B 75 -22.72 -26.18 -11.92
C LEU B 75 -21.87 -27.38 -11.59
N SER B 76 -22.43 -28.29 -10.79
CA SER B 76 -21.79 -29.56 -10.49
C SER B 76 -22.83 -30.66 -10.23
N PHE B 77 -22.67 -31.79 -10.92
CA PHE B 77 -23.50 -32.99 -10.72
C PHE B 77 -23.28 -33.57 -9.34
N SER B 78 -24.34 -34.11 -8.75
CA SER B 78 -24.27 -34.86 -7.49
C SER B 78 -24.15 -36.36 -7.76
N SER B 79 -23.80 -37.14 -6.75
CA SER B 79 -23.78 -38.60 -6.88
C SER B 79 -25.21 -39.17 -6.87
N SER B 80 -26.11 -38.49 -6.17
CA SER B 80 -27.54 -38.84 -6.12
C SER B 80 -28.21 -38.92 -7.49
N CYS B 81 -27.49 -38.53 -8.54
CA CYS B 81 -27.98 -38.67 -9.92
C CYS B 81 -28.10 -40.13 -10.33
N SER B 82 -29.25 -40.49 -10.88
CA SER B 82 -29.49 -41.86 -11.33
C SER B 82 -30.39 -41.96 -12.55
N TYR B 83 -30.36 -43.13 -13.20
CA TYR B 83 -31.19 -43.43 -14.35
C TYR B 83 -32.00 -44.69 -14.08
N SER B 84 -33.27 -44.69 -14.53
CA SER B 84 -34.18 -45.81 -14.32
C SER B 84 -35.22 -45.94 -15.44
N GLU B 85 -36.00 -47.01 -15.40
CA GLU B 85 -37.07 -47.26 -16.37
C GLU B 85 -38.33 -47.79 -15.69
N SER B 97 -41.54 -45.43 -19.87
CA SER B 97 -40.88 -44.11 -19.92
C SER B 97 -39.59 -44.12 -19.09
N PRO B 98 -38.45 -43.84 -19.74
CA PRO B 98 -37.17 -43.77 -19.03
C PRO B 98 -37.04 -42.45 -18.25
N VAL B 99 -36.60 -42.53 -17.00
CA VAL B 99 -36.56 -41.36 -16.12
C VAL B 99 -35.18 -41.08 -15.52
N TYR B 100 -34.64 -39.92 -15.87
CA TYR B 100 -33.40 -39.39 -15.29
C TYR B 100 -33.71 -38.63 -14.01
N SER B 101 -33.21 -39.16 -12.89
CA SER B 101 -33.44 -38.54 -11.59
C SER B 101 -32.19 -37.76 -11.17
N LEU B 102 -32.23 -36.45 -11.32
CA LEU B 102 -31.02 -35.62 -11.19
C LEU B 102 -30.99 -34.71 -9.96
N PHE B 103 -29.77 -34.54 -9.46
CA PHE B 103 -29.47 -33.61 -8.38
C PHE B 103 -28.31 -32.71 -8.81
N LEU B 104 -28.57 -31.40 -8.88
CA LEU B 104 -27.58 -30.47 -9.41
C LEU B 104 -27.26 -29.33 -8.45
N ALA B 105 -25.99 -29.22 -8.09
CA ALA B 105 -25.50 -28.08 -7.33
C ALA B 105 -25.25 -26.93 -8.31
N CYS B 106 -26.00 -25.85 -8.16
CA CYS B 106 -25.95 -24.74 -9.10
C CYS B 106 -25.66 -23.38 -8.47
N VAL B 107 -24.98 -22.53 -9.22
CA VAL B 107 -24.88 -21.12 -8.92
C VAL B 107 -25.73 -20.39 -9.95
N CYS B 108 -26.55 -19.45 -9.48
CA CYS B 108 -27.42 -18.72 -10.38
C CYS B 108 -27.14 -17.21 -10.35
N GLN B 109 -27.60 -16.52 -11.39
CA GLN B 109 -27.36 -15.10 -11.60
C GLN B 109 -27.65 -14.18 -10.41
N ASP B 110 -28.52 -14.64 -9.51
CA ASP B 110 -28.89 -13.84 -8.33
C ASP B 110 -28.00 -14.15 -7.11
N ASN B 111 -26.79 -14.63 -7.37
CA ASN B 111 -25.83 -14.99 -6.34
C ASN B 111 -26.31 -16.11 -5.43
N THR B 112 -27.33 -16.86 -5.86
CA THR B 112 -27.78 -17.98 -5.03
C THR B 112 -27.03 -19.27 -5.38
N VAL B 113 -26.86 -20.11 -4.36
CA VAL B 113 -26.34 -21.46 -4.48
C VAL B 113 -27.50 -22.43 -4.26
N ARG B 114 -27.74 -23.30 -5.24
CA ARG B 114 -28.95 -24.14 -5.25
C ARG B 114 -28.66 -25.63 -5.45
N LEU B 115 -29.44 -26.47 -4.78
CA LEU B 115 -29.51 -27.88 -5.14
C LEU B 115 -30.82 -28.16 -5.86
N ILE B 116 -30.73 -28.44 -7.16
CA ILE B 116 -31.92 -28.59 -7.99
C ILE B 116 -32.22 -30.05 -8.22
N ILE B 117 -33.45 -30.45 -7.87
CA ILE B 117 -33.86 -31.85 -7.94
C ILE B 117 -34.89 -32.06 -9.05
N THR B 118 -34.60 -32.98 -9.97
CA THR B 118 -35.47 -33.18 -11.12
C THR B 118 -35.81 -34.63 -11.46
N LYS B 119 -36.88 -34.78 -12.22
CA LYS B 119 -37.14 -35.97 -13.03
C LYS B 119 -37.24 -35.41 -14.45
N ASN B 120 -36.29 -35.78 -15.30
CA ASN B 120 -36.13 -35.15 -16.62
C ASN B 120 -36.12 -33.61 -16.55
N GLU B 121 -36.89 -32.97 -17.42
CA GLU B 121 -36.98 -31.50 -17.45
C GLU B 121 -37.58 -30.93 -16.17
N THR B 122 -38.49 -31.68 -15.55
CA THR B 122 -39.34 -31.16 -14.48
C THR B 122 -38.67 -31.13 -13.12
N ILE B 123 -38.67 -29.93 -12.52
CA ILE B 123 -38.10 -29.69 -11.19
C ILE B 123 -39.13 -30.05 -10.13
N ILE B 124 -38.78 -31.02 -9.29
CA ILE B 124 -39.60 -31.30 -8.13
C ILE B 124 -39.34 -30.29 -7.01
N THR B 125 -38.05 -30.00 -6.75
CA THR B 125 -37.68 -29.07 -5.68
C THR B 125 -36.29 -28.43 -5.84
N GLN B 126 -36.20 -27.15 -5.51
CA GLN B 126 -34.92 -26.41 -5.44
C GLN B 126 -34.66 -26.03 -3.99
N HIS B 127 -33.49 -26.42 -3.47
CA HIS B 127 -33.00 -25.93 -2.18
C HIS B 127 -32.09 -24.75 -2.40
N VAL B 128 -32.49 -23.59 -1.91
CA VAL B 128 -31.79 -22.35 -2.23
C VAL B 128 -31.09 -21.71 -1.03
N LEU B 129 -29.78 -21.51 -1.19
CA LEU B 129 -29.00 -20.73 -0.24
C LEU B 129 -28.84 -19.30 -0.75
N GLY B 130 -29.52 -18.37 -0.09
CA GLY B 130 -29.45 -16.94 -0.41
C GLY B 130 -29.64 -16.15 0.87
N GLY B 131 -30.19 -14.94 0.75
CA GLY B 131 -30.45 -14.09 1.90
C GLY B 131 -29.21 -13.80 2.73
N LYS B 132 -29.38 -13.79 4.05
CA LYS B 132 -28.30 -13.46 4.98
C LYS B 132 -27.19 -14.50 4.99
N SER B 133 -27.58 -15.77 4.90
CA SER B 133 -26.65 -16.88 5.04
C SER B 133 -25.88 -17.21 3.75
N GLY B 134 -26.42 -16.76 2.62
CA GLY B 134 -25.77 -16.96 1.32
C GLY B 134 -24.69 -15.93 1.00
N HIS B 135 -24.36 -15.81 -0.27
CA HIS B 135 -23.37 -14.84 -0.73
C HIS B 135 -24.00 -13.50 -1.01
N HIS B 136 -23.20 -12.45 -0.95
CA HIS B 136 -23.71 -11.09 -1.17
C HIS B 136 -22.97 -10.39 -2.28
N ASN B 137 -22.45 -11.20 -3.21
CA ASN B 137 -21.70 -10.73 -4.37
C ASN B 137 -21.55 -11.92 -5.34
N PHE B 138 -20.85 -11.71 -6.46
CA PHE B 138 -20.66 -12.75 -7.45
C PHE B 138 -20.11 -14.04 -6.84
N VAL B 139 -20.68 -15.19 -7.23
CA VAL B 139 -20.21 -16.49 -6.76
C VAL B 139 -19.39 -17.15 -7.88
N ASN B 140 -18.13 -17.45 -7.57
CA ASN B 140 -17.16 -17.81 -8.60
C ASN B 140 -16.98 -19.30 -8.88
N ASP B 141 -17.28 -20.13 -7.88
CA ASP B 141 -17.05 -21.56 -7.97
C ASP B 141 -17.88 -22.33 -6.96
N ILE B 142 -18.11 -23.61 -7.26
CA ILE B 142 -18.91 -24.47 -6.41
C ILE B 142 -18.42 -25.92 -6.57
N ASP B 143 -18.44 -26.69 -5.49
CA ASP B 143 -18.23 -28.13 -5.57
C ASP B 143 -19.12 -28.86 -4.58
N ILE B 144 -19.39 -30.13 -4.84
CA ILE B 144 -20.15 -30.99 -3.93
C ILE B 144 -19.35 -32.29 -3.64
N ALA B 145 -19.45 -32.80 -2.41
CA ALA B 145 -18.76 -34.03 -2.04
C ALA B 145 -19.59 -34.91 -1.11
N ASP B 146 -19.29 -36.21 -1.14
CA ASP B 146 -20.00 -37.19 -0.33
C ASP B 146 -19.18 -37.58 0.89
N VAL B 147 -19.85 -37.65 2.05
CA VAL B 147 -19.19 -38.03 3.30
C VAL B 147 -19.85 -39.27 3.90
N TYR B 148 -19.02 -40.26 4.25
CA TYR B 148 -19.49 -41.54 4.76
C TYR B 148 -19.19 -41.73 6.25
N SER B 149 -20.18 -42.24 6.99
CA SER B 149 -20.09 -42.39 8.46
C SER B 149 -19.19 -43.50 8.96
N ALA B 150 -19.62 -44.17 10.02
CA ALA B 150 -18.87 -45.28 10.63
C ALA B 150 -18.67 -46.43 9.64
N ASP B 151 -19.77 -46.91 9.08
CA ASP B 151 -19.73 -47.86 7.96
C ASP B 151 -19.64 -47.06 6.64
N ASN B 152 -19.93 -47.70 5.51
CA ASN B 152 -19.94 -46.99 4.24
C ASN B 152 -21.32 -46.42 3.85
N ARG B 153 -22.13 -46.14 4.86
CA ARG B 153 -23.40 -45.44 4.70
C ARG B 153 -23.18 -43.98 4.26
N LEU B 154 -24.11 -43.45 3.48
CA LEU B 154 -24.05 -42.05 3.03
C LEU B 154 -24.56 -41.11 4.13
N ALA B 155 -23.63 -40.53 4.89
CA ALA B 155 -23.95 -39.73 6.07
C ALA B 155 -24.31 -38.28 5.77
N GLU B 156 -23.53 -37.64 4.89
CA GLU B 156 -23.74 -36.22 4.53
C GLU B 156 -23.34 -35.92 3.10
N GLN B 157 -24.01 -34.94 2.50
CA GLN B 157 -23.52 -34.29 1.28
C GLN B 157 -23.17 -32.84 1.57
N VAL B 158 -22.05 -32.37 1.01
CA VAL B 158 -21.50 -31.06 1.34
C VAL B 158 -21.32 -30.22 0.08
N ILE B 159 -21.81 -28.98 0.14
CA ILE B 159 -21.64 -28.01 -0.94
C ILE B 159 -20.75 -26.86 -0.45
N ALA B 160 -19.65 -26.62 -1.15
CA ALA B 160 -18.76 -25.51 -0.85
C ALA B 160 -18.86 -24.47 -1.96
N SER B 161 -18.85 -23.20 -1.59
CA SER B 161 -18.90 -22.12 -2.57
C SER B 161 -18.05 -20.93 -2.14
N VAL B 162 -17.53 -20.20 -3.12
CA VAL B 162 -16.64 -19.06 -2.88
C VAL B 162 -17.11 -17.88 -3.72
N GLY B 163 -17.02 -16.68 -3.15
CA GLY B 163 -17.51 -15.48 -3.83
C GLY B 163 -16.65 -14.25 -3.74
N ASP B 164 -17.04 -13.22 -4.50
CA ASP B 164 -16.37 -11.92 -4.47
C ASP B 164 -16.59 -11.21 -3.14
N ASP B 165 -17.43 -11.80 -2.30
CA ASP B 165 -17.65 -11.30 -0.93
C ASP B 165 -16.61 -11.85 0.04
N CYS B 166 -15.50 -12.36 -0.52
CA CYS B 166 -14.38 -12.91 0.24
C CYS B 166 -14.81 -13.94 1.29
N THR B 167 -15.73 -14.81 0.91
CA THR B 167 -16.26 -15.83 1.83
C THR B 167 -16.21 -17.21 1.22
N LEU B 168 -15.87 -18.19 2.06
CA LEU B 168 -16.12 -19.59 1.77
C LEU B 168 -17.33 -20.05 2.58
N ILE B 169 -18.34 -20.57 1.89
CA ILE B 169 -19.53 -21.09 2.57
C ILE B 169 -19.63 -22.63 2.46
N ILE B 170 -19.70 -23.29 3.60
CA ILE B 170 -19.94 -24.74 3.62
C ILE B 170 -21.38 -25.01 3.98
N TRP B 171 -22.04 -25.82 3.15
CA TRP B 171 -23.44 -26.17 3.33
C TRP B 171 -23.57 -27.67 3.42
N ARG B 172 -23.82 -28.15 4.63
CA ARG B 172 -23.92 -29.59 4.89
C ARG B 172 -25.38 -30.05 4.87
N LEU B 173 -25.65 -31.02 4.01
CA LEU B 173 -26.98 -31.62 3.92
C LEU B 173 -26.98 -32.92 4.71
N THR B 174 -27.44 -32.83 5.94
CA THR B 174 -27.48 -33.99 6.82
C THR B 174 -28.89 -34.58 6.85
N ASP B 175 -28.96 -35.83 7.30
CA ASP B 175 -30.23 -36.53 7.56
C ASP B 175 -31.15 -35.71 8.48
N GLU B 176 -30.55 -35.01 9.43
CA GLU B 176 -31.26 -34.08 10.31
C GLU B 176 -31.69 -32.78 9.62
N GLY B 177 -30.97 -32.40 8.57
CA GLY B 177 -31.25 -31.15 7.85
C GLY B 177 -29.99 -30.36 7.53
N PRO B 178 -30.15 -29.05 7.26
CA PRO B 178 -29.02 -28.25 6.83
C PRO B 178 -28.23 -27.57 7.96
N ILE B 179 -26.90 -27.72 7.92
CA ILE B 179 -26.01 -26.95 8.78
C ILE B 179 -25.09 -26.16 7.85
N LEU B 180 -24.96 -24.86 8.09
CA LEU B 180 -24.08 -24.06 7.27
C LEU B 180 -23.13 -23.17 8.07
N ALA B 181 -21.98 -22.89 7.46
CA ALA B 181 -20.95 -22.06 8.06
C ALA B 181 -20.24 -21.24 6.98
N GLY B 182 -19.80 -20.03 7.35
CA GLY B 182 -19.06 -19.16 6.45
C GLY B 182 -17.71 -18.81 7.05
N TYR B 183 -16.68 -18.74 6.21
CA TYR B 183 -15.31 -18.46 6.65
C TYR B 183 -14.74 -17.31 5.83
N PRO B 184 -14.25 -16.26 6.50
CA PRO B 184 -13.69 -15.14 5.76
C PRO B 184 -12.47 -15.52 4.92
N LEU B 185 -12.29 -14.83 3.80
CA LEU B 185 -11.08 -14.97 2.98
C LEU B 185 -10.43 -13.60 2.88
N SER B 186 -9.19 -13.56 2.43
CA SER B 186 -8.45 -12.30 2.40
C SER B 186 -8.72 -11.50 1.13
N SER B 187 -9.38 -12.13 0.17
CA SER B 187 -9.73 -11.48 -1.10
C SER B 187 -10.78 -12.34 -1.79
N PRO B 188 -11.19 -11.97 -3.02
CA PRO B 188 -12.30 -12.77 -3.55
C PRO B 188 -11.90 -14.22 -3.69
N GLY B 189 -12.83 -15.13 -3.38
CA GLY B 189 -12.61 -16.55 -3.58
C GLY B 189 -12.98 -16.92 -4.99
N ILE B 190 -11.99 -17.31 -5.79
CA ILE B 190 -12.29 -17.58 -7.19
C ILE B 190 -12.41 -19.08 -7.55
N SER B 191 -11.87 -19.97 -6.73
CA SER B 191 -12.06 -21.38 -6.98
C SER B 191 -12.02 -22.20 -5.72
N VAL B 192 -12.85 -23.22 -5.69
CA VAL B 192 -12.97 -24.14 -4.55
C VAL B 192 -13.07 -25.58 -5.07
N GLN B 193 -12.42 -26.53 -4.38
CA GLN B 193 -12.53 -27.94 -4.75
C GLN B 193 -12.21 -28.87 -3.59
N PHE B 194 -13.10 -29.84 -3.39
CA PHE B 194 -12.89 -30.92 -2.43
C PHE B 194 -11.77 -31.83 -2.89
N ARG B 195 -10.91 -32.23 -1.94
CA ARG B 195 -9.82 -33.15 -2.23
C ARG B 195 -10.37 -34.52 -2.61
N PRO B 196 -10.12 -34.94 -3.87
CA PRO B 196 -10.53 -36.29 -4.32
C PRO B 196 -10.11 -37.35 -3.31
N SER B 197 -11.05 -38.24 -3.00
CA SER B 197 -10.83 -39.36 -2.05
C SER B 197 -10.59 -38.91 -0.61
N ASN B 198 -10.56 -37.60 -0.36
CA ASN B 198 -10.47 -37.07 1.00
C ASN B 198 -11.44 -35.90 1.17
N PRO B 199 -12.75 -36.19 1.25
CA PRO B 199 -13.77 -35.13 1.19
C PRO B 199 -13.83 -34.18 2.39
N ASN B 200 -12.97 -34.39 3.38
CA ASN B 200 -12.95 -33.53 4.56
C ASN B 200 -12.01 -32.32 4.36
N GLN B 201 -11.11 -32.43 3.38
CA GLN B 201 -10.21 -31.34 3.02
C GLN B 201 -10.70 -30.68 1.74
N LEU B 202 -10.50 -29.36 1.66
CA LEU B 202 -10.75 -28.66 0.41
C LEU B 202 -9.65 -27.68 0.09
N ILE B 203 -9.62 -27.26 -1.17
CA ILE B 203 -8.69 -26.22 -1.59
C ILE B 203 -9.47 -24.97 -2.05
N VAL B 204 -8.98 -23.81 -1.62
CA VAL B 204 -9.55 -22.54 -2.06
C VAL B 204 -8.46 -21.68 -2.71
N GLY B 205 -8.76 -21.16 -3.88
CA GLY B 205 -7.86 -20.18 -4.50
C GLY B 205 -8.48 -18.80 -4.43
N GLU B 206 -7.73 -17.86 -3.82
CA GLU B 206 -8.15 -16.45 -3.76
C GLU B 206 -7.64 -15.67 -4.95
N ARG B 207 -8.23 -14.50 -5.21
CA ARG B 207 -7.84 -13.73 -6.39
C ARG B 207 -6.38 -13.29 -6.34
N ASN B 208 -5.91 -12.94 -5.14
CA ASN B 208 -4.54 -12.51 -4.94
C ASN B 208 -3.50 -13.67 -4.97
N GLY B 209 -3.96 -14.88 -5.29
CA GLY B 209 -3.03 -15.97 -5.60
C GLY B 209 -2.73 -16.87 -4.44
N ASN B 210 -3.17 -16.48 -3.26
CA ASN B 210 -3.03 -17.32 -2.10
C ASN B 210 -3.94 -18.53 -2.18
N ILE B 211 -3.33 -19.71 -2.02
CA ILE B 211 -4.00 -20.99 -2.08
C ILE B 211 -4.07 -21.55 -0.68
N ARG B 212 -5.26 -21.97 -0.27
CA ARG B 212 -5.46 -22.43 1.11
C ARG B 212 -6.09 -23.81 1.16
N ILE B 213 -5.47 -24.69 1.96
CA ILE B 213 -6.05 -25.99 2.25
C ILE B 213 -6.77 -25.88 3.56
N PHE B 214 -8.00 -26.38 3.57
CA PHE B 214 -8.94 -26.12 4.64
C PHE B 214 -9.64 -27.42 5.01
N ASP B 215 -9.69 -27.71 6.31
CA ASP B 215 -10.43 -28.86 6.80
C ASP B 215 -11.68 -28.42 7.53
N TRP B 216 -12.82 -28.46 6.83
CA TRP B 216 -14.12 -28.04 7.36
C TRP B 216 -14.64 -28.95 8.46
N THR B 217 -13.86 -29.95 8.82
CA THR B 217 -14.35 -31.09 9.58
C THR B 217 -13.84 -31.11 11.03
N LEU B 218 -12.61 -30.66 11.24
CA LEU B 218 -11.92 -30.90 12.52
C LEU B 218 -12.42 -30.08 13.72
N ASN B 219 -13.40 -29.21 13.48
CA ASN B 219 -13.93 -28.39 14.55
C ASN B 219 -15.30 -28.86 15.04
N LEU B 220 -16.05 -29.50 14.15
CA LEU B 220 -17.39 -30.01 14.49
C LEU B 220 -17.32 -31.32 15.27
N SER B 221 -16.31 -32.13 14.97
CA SER B 221 -16.17 -33.47 15.55
C SER B 221 -15.80 -33.43 17.04
N ALA B 222 -15.00 -32.43 17.42
CA ALA B 222 -14.51 -32.33 18.80
C ALA B 222 -14.98 -31.10 19.55
N GLU B 223 -15.00 -29.95 18.88
CA GLU B 223 -15.18 -28.66 19.55
C GLU B 223 -16.57 -28.02 19.44
N GLU B 224 -17.13 -28.00 18.23
CA GLU B 224 -18.37 -27.27 17.95
C GLU B 224 -19.63 -27.93 18.53
N ASN B 225 -19.75 -29.25 18.38
CA ASN B 225 -20.94 -29.98 18.81
C ASN B 225 -21.13 -30.13 20.32
N SER B 226 -20.01 -30.18 21.06
CA SER B 226 -20.05 -30.33 22.52
C SER B 226 -18.76 -29.86 23.24
N GLN B 227 -18.39 -30.53 24.32
CA GLN B 227 -17.22 -30.19 25.14
C GLN B 227 -15.95 -30.93 24.67
N THR B 228 -14.76 -30.50 25.14
CA THR B 228 -14.57 -29.37 26.06
C THR B 228 -14.06 -28.12 25.34
N GLU B 229 -14.49 -27.95 24.10
CA GLU B 229 -14.17 -26.77 23.27
C GLU B 229 -12.68 -26.41 23.15
N LEU B 230 -11.85 -27.42 22.87
CA LEU B 230 -10.44 -27.20 22.56
C LEU B 230 -10.27 -27.08 21.04
N VAL B 231 -10.03 -25.84 20.58
CA VAL B 231 -10.13 -25.50 19.17
C VAL B 231 -8.85 -25.83 18.39
N LYS B 232 -9.03 -26.33 17.17
CA LYS B 232 -7.92 -26.56 16.23
C LYS B 232 -8.08 -25.69 14.99
N ASN B 233 -6.94 -25.22 14.47
CA ASN B 233 -6.93 -24.35 13.29
C ASN B 233 -7.28 -25.11 12.00
N PRO B 234 -8.46 -24.82 11.41
CA PRO B 234 -8.87 -25.55 10.20
C PRO B 234 -8.11 -25.14 8.93
N TRP B 235 -7.34 -24.06 9.03
CA TRP B 235 -6.53 -23.59 7.90
C TRP B 235 -5.18 -24.23 7.93
N LEU B 236 -5.07 -25.35 7.23
CA LEU B 236 -3.88 -26.20 7.36
C LEU B 236 -2.63 -25.60 6.73
N LEU B 237 -2.79 -25.00 5.56
CA LEU B 237 -1.66 -24.56 4.79
C LEU B 237 -2.03 -23.41 3.84
N THR B 238 -1.18 -22.39 3.77
CA THR B 238 -1.25 -21.43 2.70
C THR B 238 -0.07 -21.67 1.77
N LEU B 239 -0.36 -21.80 0.48
CA LEU B 239 0.67 -21.81 -0.55
C LEU B 239 0.56 -20.49 -1.29
N ASN B 240 1.70 -19.90 -1.59
CA ASN B 240 1.73 -18.62 -2.30
C ASN B 240 2.04 -18.87 -3.77
N THR B 241 1.33 -18.19 -4.65
CA THR B 241 1.48 -18.41 -6.09
C THR B 241 2.29 -17.29 -6.74
N LEU B 242 1.72 -16.08 -6.75
CA LEU B 242 2.28 -14.95 -7.48
C LEU B 242 3.74 -14.64 -7.16
N PRO B 243 4.07 -14.55 -5.84
CA PRO B 243 5.45 -14.30 -5.40
C PRO B 243 6.46 -15.37 -5.82
N LEU B 244 5.98 -16.58 -6.12
CA LEU B 244 6.87 -17.70 -6.43
C LEU B 244 6.99 -18.01 -7.93
N VAL B 245 6.25 -17.27 -8.76
CA VAL B 245 6.40 -17.32 -10.23
C VAL B 245 7.73 -16.64 -10.64
N ASN B 246 8.04 -16.66 -11.93
CA ASN B 246 9.20 -15.98 -12.52
C ASN B 246 10.30 -16.96 -12.86
N THR B 247 10.27 -18.12 -12.20
CA THR B 247 11.11 -19.23 -12.62
C THR B 247 10.59 -19.73 -13.98
N CYS B 248 9.39 -19.25 -14.34
CA CYS B 248 8.84 -19.38 -15.69
C CYS B 248 7.59 -18.49 -15.88
N HIS B 249 7.74 -17.23 -16.26
CA HIS B 249 8.99 -16.44 -16.25
C HIS B 249 8.52 -15.01 -16.15
N SER B 250 7.25 -14.87 -15.81
CA SER B 250 6.45 -13.69 -16.12
C SER B 250 6.85 -12.42 -15.39
N SER B 251 7.01 -11.34 -16.17
CA SER B 251 7.03 -9.99 -15.64
C SER B 251 5.63 -9.67 -15.13
N GLY B 252 4.63 -10.28 -15.79
CA GLY B 252 3.23 -10.23 -15.41
C GLY B 252 2.83 -9.09 -14.49
N ILE B 253 2.65 -7.90 -15.08
CA ILE B 253 2.32 -6.70 -14.31
C ILE B 253 0.94 -6.84 -13.64
N ALA B 254 1.00 -7.30 -12.39
CA ALA B 254 -0.18 -7.65 -11.58
C ALA B 254 -1.10 -8.66 -12.26
N SER B 255 -0.75 -9.93 -12.16
CA SER B 255 -1.64 -11.02 -12.56
C SER B 255 -2.47 -11.46 -11.36
N SER B 256 -3.46 -12.30 -11.61
CA SER B 256 -4.29 -12.82 -10.54
C SER B 256 -4.47 -14.33 -10.75
N LEU B 257 -5.11 -15.00 -9.80
CA LEU B 257 -5.29 -16.45 -9.89
C LEU B 257 -6.51 -16.74 -10.76
N ALA B 258 -6.35 -17.62 -11.74
CA ALA B 258 -7.48 -18.03 -12.56
C ALA B 258 -8.20 -19.20 -11.88
N ASN B 259 -7.42 -20.19 -11.44
CA ASN B 259 -7.96 -21.31 -10.65
C ASN B 259 -6.87 -22.16 -10.00
N VAL B 260 -7.28 -22.98 -9.03
CA VAL B 260 -6.40 -23.96 -8.41
C VAL B 260 -7.12 -25.30 -8.38
N ARG B 261 -6.40 -26.38 -8.69
CA ARG B 261 -7.00 -27.71 -8.80
C ARG B 261 -6.16 -28.79 -8.12
N TRP B 262 -6.84 -29.75 -7.52
CA TRP B 262 -6.23 -30.97 -7.04
C TRP B 262 -5.83 -31.84 -8.20
N ILE B 263 -4.63 -32.41 -8.13
CA ILE B 263 -4.15 -33.39 -9.13
C ILE B 263 -4.13 -34.82 -8.55
N GLY B 264 -4.50 -35.78 -9.38
CA GLY B 264 -4.43 -37.18 -9.01
C GLY B 264 -5.73 -37.67 -8.41
N SER B 265 -6.03 -38.95 -8.62
CA SER B 265 -7.25 -39.56 -8.13
C SER B 265 -7.31 -39.57 -6.60
N ASP B 266 -6.17 -39.29 -5.97
CA ASP B 266 -6.11 -39.15 -4.51
C ASP B 266 -5.81 -37.74 -3.97
N GLY B 267 -5.75 -36.76 -4.86
CA GLY B 267 -5.45 -35.39 -4.47
C GLY B 267 -4.07 -35.26 -3.85
N SER B 268 -3.09 -35.83 -4.53
CA SER B 268 -1.71 -35.87 -4.07
C SER B 268 -0.95 -34.63 -4.52
N GLY B 269 -1.44 -34.04 -5.62
CA GLY B 269 -0.81 -32.85 -6.17
C GLY B 269 -1.73 -31.64 -6.25
N ILE B 270 -1.13 -30.49 -6.48
CA ILE B 270 -1.88 -29.23 -6.60
C ILE B 270 -1.38 -28.43 -7.80
N LEU B 271 -2.33 -28.02 -8.64
CA LEU B 271 -2.01 -27.20 -9.81
C LEU B 271 -2.68 -25.83 -9.72
N ALA B 272 -1.86 -24.78 -9.69
CA ALA B 272 -2.37 -23.39 -9.72
C ALA B 272 -2.13 -22.74 -11.07
N MET B 273 -3.17 -22.12 -11.61
CA MET B 273 -3.02 -21.38 -12.87
C MET B 273 -3.36 -19.90 -12.70
N CYS B 274 -2.39 -19.04 -13.03
CA CYS B 274 -2.60 -17.58 -13.07
C CYS B 274 -3.28 -17.16 -14.36
N LYS B 275 -3.93 -16.00 -14.38
CA LYS B 275 -4.60 -15.48 -15.60
C LYS B 275 -3.62 -15.22 -16.73
N SER B 276 -2.35 -15.05 -16.39
CA SER B 276 -1.28 -14.77 -17.35
C SER B 276 -0.85 -16.00 -18.14
N GLY B 277 -1.26 -17.19 -17.70
CA GLY B 277 -0.76 -18.44 -18.26
C GLY B 277 0.26 -19.14 -17.37
N ALA B 278 0.83 -18.40 -16.41
CA ALA B 278 1.80 -18.97 -15.48
C ALA B 278 1.13 -19.96 -14.54
N TRP B 279 1.63 -21.20 -14.56
CA TRP B 279 1.10 -22.29 -13.74
C TRP B 279 2.17 -22.81 -12.83
N LEU B 280 1.75 -23.42 -11.72
CA LEU B 280 2.66 -24.03 -10.72
C LEU B 280 2.07 -25.31 -10.17
N ARG B 281 2.95 -26.27 -9.88
CA ARG B 281 2.55 -27.58 -9.40
C ARG B 281 3.28 -27.94 -8.11
N TRP B 282 2.51 -28.33 -7.09
CA TRP B 282 3.09 -28.91 -5.87
C TRP B 282 2.73 -30.37 -5.78
N ASN B 283 3.71 -31.20 -5.44
CA ASN B 283 3.45 -32.62 -5.15
C ASN B 283 3.45 -32.82 -3.65
N LEU B 284 2.32 -32.50 -3.03
CA LEU B 284 2.21 -32.45 -1.58
C LEU B 284 2.10 -33.81 -0.93
N PHE B 285 1.22 -34.65 -1.48
CA PHE B 285 0.88 -35.91 -0.85
C PHE B 285 1.22 -37.12 -1.73
N ALA B 286 1.24 -38.30 -1.12
CA ALA B 286 1.49 -39.54 -1.85
C ALA B 286 0.36 -39.86 -2.83
N ASN B 287 0.73 -40.24 -4.05
CA ASN B 287 -0.27 -40.69 -5.02
C ASN B 287 -0.73 -42.12 -4.69
N ASN B 288 -1.60 -42.22 -3.70
CA ASN B 288 -1.99 -43.50 -3.10
C ASN B 288 -3.20 -43.37 -2.18
N ASP B 289 -4.03 -44.41 -2.15
CA ASP B 289 -5.27 -44.45 -1.37
C ASP B 289 -5.10 -44.22 0.13
N TYR B 290 -4.01 -44.72 0.69
CA TYR B 290 -3.79 -44.71 2.14
C TYR B 290 -2.89 -43.56 2.58
N ASN B 291 -1.62 -43.62 2.20
CA ASN B 291 -0.59 -42.68 2.65
C ASN B 291 -0.83 -41.23 2.23
N GLU B 292 -0.65 -40.31 3.17
CA GLU B 292 -0.66 -38.87 2.87
C GLU B 292 0.73 -38.37 2.50
N ILE B 293 1.73 -38.75 3.29
CA ILE B 293 3.13 -38.41 2.99
C ILE B 293 3.64 -39.19 1.78
N SER B 294 4.13 -38.46 0.78
CA SER B 294 4.68 -39.06 -0.45
C SER B 294 5.99 -39.80 -0.18
N ASP B 295 6.12 -40.97 -0.81
CA ASP B 295 7.35 -41.77 -0.72
C ASP B 295 8.59 -40.92 -0.94
N SER B 296 8.47 -39.92 -1.82
CA SER B 296 9.56 -38.98 -2.11
C SER B 296 10.04 -38.20 -0.89
N THR B 297 9.10 -37.78 -0.04
CA THR B 297 9.41 -37.05 1.20
C THR B 297 10.12 -37.97 2.22
N MET B 298 9.85 -39.26 2.13
CA MET B 298 10.28 -40.20 3.17
C MET B 298 11.79 -40.40 3.33
N LYS B 299 12.55 -40.24 2.24
CA LYS B 299 14.01 -40.45 2.29
C LYS B 299 14.92 -39.27 1.96
N LEU B 300 14.46 -38.37 1.08
CA LEU B 300 15.25 -37.15 0.76
C LEU B 300 15.04 -36.03 1.78
N GLY B 301 14.21 -36.29 2.78
CA GLY B 301 13.99 -35.38 3.90
C GLY B 301 12.81 -34.44 3.72
N PRO B 302 12.45 -33.72 4.81
CA PRO B 302 11.42 -32.67 4.72
C PRO B 302 11.80 -31.60 3.70
N LYS B 303 10.85 -31.26 2.83
CA LYS B 303 11.06 -30.22 1.84
C LYS B 303 10.32 -28.93 2.19
N ASN B 304 10.72 -27.85 1.53
CA ASN B 304 10.02 -26.59 1.66
C ASN B 304 8.75 -26.59 0.79
N LEU B 305 8.00 -25.50 0.81
CA LEU B 305 6.73 -25.43 0.09
C LEU B 305 6.81 -24.67 -1.22
N LEU B 306 8.01 -24.58 -1.78
CA LEU B 306 8.18 -24.06 -3.12
C LEU B 306 7.55 -25.06 -4.08
N PRO B 307 6.94 -24.56 -5.18
CA PRO B 307 6.42 -25.50 -6.18
C PRO B 307 7.53 -26.42 -6.68
N ASN B 308 7.16 -27.64 -7.06
CA ASN B 308 8.13 -28.62 -7.52
C ASN B 308 8.55 -28.36 -8.96
N VAL B 309 7.58 -27.95 -9.77
CA VAL B 309 7.80 -27.59 -11.16
C VAL B 309 6.84 -26.46 -11.54
N GLN B 310 7.24 -25.62 -12.46
CA GLN B 310 6.35 -24.60 -13.00
C GLN B 310 6.68 -24.27 -14.45
N GLY B 311 5.70 -23.68 -15.13
CA GLY B 311 5.90 -23.21 -16.49
C GLY B 311 4.95 -22.06 -16.78
N ILE B 312 4.89 -21.69 -18.05
CA ILE B 312 3.92 -20.72 -18.52
C ILE B 312 3.31 -21.23 -19.82
N SER B 313 1.98 -21.23 -19.87
CA SER B 313 1.23 -21.56 -21.07
C SER B 313 1.60 -20.59 -22.19
N LEU B 314 1.33 -20.96 -23.42
CA LEU B 314 1.51 -20.03 -24.54
C LEU B 314 0.54 -18.85 -24.46
N PHE B 315 -0.64 -19.09 -23.90
CA PHE B 315 -1.71 -18.11 -23.89
C PHE B 315 -2.20 -17.78 -22.49
N PRO B 316 -2.65 -16.52 -22.27
CA PRO B 316 -3.29 -16.17 -21.01
C PRO B 316 -4.49 -17.07 -20.79
N SER B 317 -4.76 -17.39 -19.54
CA SER B 317 -5.76 -18.39 -19.20
C SER B 317 -6.90 -17.82 -18.38
N LEU B 318 -7.97 -17.45 -19.07
CA LEU B 318 -9.12 -16.85 -18.43
C LEU B 318 -9.87 -17.81 -17.51
N LEU B 319 -9.97 -19.07 -17.93
CA LEU B 319 -10.74 -20.09 -17.23
C LEU B 319 -9.88 -20.93 -16.28
N GLY B 320 -8.57 -20.87 -16.46
CA GLY B 320 -7.67 -21.67 -15.65
C GLY B 320 -7.41 -23.04 -16.25
N ALA B 321 -6.70 -23.87 -15.51
CA ALA B 321 -6.29 -25.19 -15.99
C ALA B 321 -7.41 -26.20 -15.83
N CYS B 322 -7.52 -27.08 -16.81
CA CYS B 322 -8.45 -28.22 -16.75
C CYS B 322 -7.63 -29.52 -16.71
N PRO B 323 -7.39 -30.04 -15.49
CA PRO B 323 -6.54 -31.24 -15.31
C PRO B 323 -7.14 -32.48 -15.97
N HIS B 324 -6.28 -33.33 -16.55
CA HIS B 324 -6.77 -34.60 -17.10
C HIS B 324 -7.25 -35.51 -16.00
N PRO B 325 -8.46 -36.08 -16.16
CA PRO B 325 -9.06 -36.87 -15.08
C PRO B 325 -8.35 -38.21 -14.80
N ARG B 326 -7.45 -38.61 -15.70
CA ARG B 326 -6.73 -39.87 -15.55
C ARG B 326 -5.21 -39.73 -15.47
N TYR B 327 -4.63 -38.91 -16.36
CA TYR B 327 -3.18 -38.74 -16.41
C TYR B 327 -2.75 -37.47 -15.68
N MET B 328 -2.06 -37.66 -14.57
CA MET B 328 -1.70 -36.60 -13.64
C MET B 328 -0.92 -35.44 -14.24
N ASP B 329 -0.05 -35.74 -15.19
CA ASP B 329 0.91 -34.76 -15.69
C ASP B 329 0.34 -33.86 -16.78
N TYR B 330 -0.91 -34.13 -17.17
CA TYR B 330 -1.52 -33.45 -18.29
C TYR B 330 -2.66 -32.53 -17.86
N PHE B 331 -2.65 -31.31 -18.38
CA PHE B 331 -3.80 -30.44 -18.25
C PHE B 331 -4.01 -29.64 -19.51
N ALA B 332 -5.25 -29.20 -19.70
CA ALA B 332 -5.59 -28.33 -20.81
C ALA B 332 -5.86 -26.91 -20.33
N THR B 333 -5.41 -25.95 -21.13
CA THR B 333 -5.66 -24.55 -20.85
C THR B 333 -5.96 -23.82 -22.16
N ALA B 334 -6.97 -22.97 -22.16
CA ALA B 334 -7.45 -22.35 -23.40
C ALA B 334 -7.12 -20.88 -23.52
N HIS B 335 -6.96 -20.41 -24.76
CA HIS B 335 -7.11 -19.00 -25.05
C HIS B 335 -8.56 -18.79 -25.39
N SER B 336 -9.32 -18.42 -24.38
CA SER B 336 -10.76 -18.28 -24.50
C SER B 336 -11.21 -17.39 -25.67
N GLN B 337 -10.57 -16.24 -25.86
CA GLN B 337 -11.02 -15.31 -26.91
C GLN B 337 -10.75 -15.82 -28.33
N HIS B 338 -9.70 -16.61 -28.52
CA HIS B 338 -9.29 -16.99 -29.88
C HIS B 338 -9.49 -18.44 -30.27
N GLY B 339 -10.06 -19.22 -29.36
CA GLY B 339 -10.47 -20.59 -29.66
C GLY B 339 -9.33 -21.59 -29.73
N LEU B 340 -8.25 -21.30 -29.01
CA LEU B 340 -7.13 -22.22 -28.94
C LEU B 340 -7.13 -22.94 -27.61
N ILE B 341 -6.87 -24.25 -27.65
CA ILE B 341 -6.65 -25.02 -26.44
C ILE B 341 -5.29 -25.69 -26.50
N GLN B 342 -4.44 -25.35 -25.53
CA GLN B 342 -3.12 -25.96 -25.40
C GLN B 342 -3.21 -27.13 -24.43
N LEU B 343 -2.62 -28.25 -24.83
CA LEU B 343 -2.48 -29.40 -23.94
C LEU B 343 -1.08 -29.33 -23.38
N ILE B 344 -0.98 -29.30 -22.05
CA ILE B 344 0.31 -29.23 -21.42
C ILE B 344 0.62 -30.48 -20.62
N ASN B 345 1.83 -30.98 -20.80
CA ASN B 345 2.40 -32.00 -19.96
C ASN B 345 3.42 -31.28 -19.08
N THR B 346 3.25 -31.39 -17.76
CA THR B 346 4.10 -30.64 -16.83
C THR B 346 5.60 -30.97 -16.90
N TYR B 347 6.01 -31.95 -17.73
CA TYR B 347 7.25 -32.68 -17.40
C TYR B 347 8.63 -32.76 -18.07
N GLU B 348 8.85 -32.71 -19.38
CA GLU B 348 8.05 -32.19 -20.52
C GLU B 348 8.09 -30.67 -20.70
N LYS B 349 9.24 -30.11 -20.33
CA LYS B 349 9.54 -28.68 -20.42
C LYS B 349 9.85 -28.25 -21.85
N ASP B 350 9.22 -27.16 -22.29
CA ASP B 350 9.42 -26.53 -23.60
C ASP B 350 9.27 -27.47 -24.82
N SER B 351 8.06 -27.99 -24.97
CA SER B 351 7.61 -28.68 -26.18
C SER B 351 6.14 -28.31 -26.35
N ASN B 352 5.87 -27.40 -27.27
CA ASN B 352 4.57 -26.72 -27.33
C ASN B 352 3.55 -27.30 -28.30
N SER B 353 2.42 -27.72 -27.75
CA SER B 353 1.39 -28.48 -28.47
C SER B 353 0.01 -27.82 -28.34
N ILE B 354 -0.56 -27.41 -29.48
CA ILE B 354 -1.88 -26.78 -29.50
C ILE B 354 -2.87 -27.62 -30.31
N PRO B 355 -3.28 -28.78 -29.75
CA PRO B 355 -4.00 -29.80 -30.51
C PRO B 355 -5.36 -29.35 -31.04
N ILE B 356 -5.84 -28.20 -30.56
CA ILE B 356 -7.17 -27.73 -30.95
C ILE B 356 -7.23 -26.21 -31.19
N GLN B 357 -7.75 -25.84 -32.37
CA GLN B 357 -7.85 -24.44 -32.79
C GLN B 357 -9.19 -24.26 -33.51
N LEU B 358 -10.02 -23.35 -33.01
CA LEU B 358 -11.41 -23.31 -33.44
C LEU B 358 -11.81 -22.11 -34.29
N GLY B 359 -11.09 -21.01 -34.14
CA GLY B 359 -11.37 -19.78 -34.88
C GLY B 359 -12.54 -18.98 -34.31
N MET B 360 -12.96 -19.33 -33.10
CA MET B 360 -14.05 -18.64 -32.43
C MET B 360 -13.90 -18.76 -30.92
N PRO B 361 -14.45 -17.80 -30.16
CA PRO B 361 -14.31 -17.82 -28.70
C PRO B 361 -14.74 -19.13 -28.05
N ILE B 362 -14.11 -19.46 -26.93
CA ILE B 362 -14.52 -20.55 -26.05
C ILE B 362 -15.24 -19.95 -24.85
N VAL B 363 -16.39 -20.53 -24.51
CA VAL B 363 -17.12 -20.15 -23.29
C VAL B 363 -16.64 -21.02 -22.12
N ASP B 364 -16.71 -22.35 -22.29
CA ASP B 364 -16.22 -23.28 -21.28
C ASP B 364 -15.86 -24.60 -21.92
N PHE B 365 -15.05 -25.41 -21.21
CA PHE B 365 -14.71 -26.76 -21.66
C PHE B 365 -14.39 -27.68 -20.48
N CYS B 366 -14.61 -28.98 -20.68
CA CYS B 366 -14.30 -30.00 -19.67
C CYS B 366 -13.97 -31.35 -20.32
N TRP B 367 -13.21 -32.16 -19.59
CA TRP B 367 -12.84 -33.50 -20.02
C TRP B 367 -13.99 -34.45 -19.87
N HIS B 368 -14.14 -35.34 -20.86
CA HIS B 368 -15.00 -36.49 -20.70
C HIS B 368 -14.58 -37.25 -19.47
N GLN B 369 -15.56 -37.75 -18.74
CA GLN B 369 -15.33 -38.45 -17.47
C GLN B 369 -14.24 -39.55 -17.57
N ASP B 370 -13.98 -40.02 -18.79
CA ASP B 370 -13.00 -41.10 -19.00
C ASP B 370 -11.70 -40.65 -19.67
N GLY B 371 -11.60 -39.37 -20.02
CA GLY B 371 -10.33 -38.77 -20.46
C GLY B 371 -9.99 -38.89 -21.94
N SER B 372 -10.94 -39.47 -22.69
CA SER B 372 -10.80 -39.69 -24.13
C SER B 372 -11.14 -38.43 -24.93
N HIS B 373 -12.16 -37.71 -24.45
CA HIS B 373 -12.72 -36.57 -25.18
C HIS B 373 -12.71 -35.29 -24.38
N LEU B 374 -12.82 -34.17 -25.10
CA LEU B 374 -13.08 -32.86 -24.51
C LEU B 374 -14.42 -32.33 -25.00
N ALA B 375 -15.23 -31.82 -24.08
CA ALA B 375 -16.44 -31.10 -24.45
C ALA B 375 -16.18 -29.61 -24.37
N ILE B 376 -16.59 -28.88 -25.39
CA ILE B 376 -16.30 -27.45 -25.46
C ILE B 376 -17.53 -26.69 -25.89
N ALA B 377 -17.91 -25.70 -25.08
CA ALA B 377 -18.98 -24.80 -25.49
C ALA B 377 -18.37 -23.56 -26.07
N THR B 378 -18.83 -23.20 -27.27
CA THR B 378 -18.56 -21.91 -27.86
C THR B 378 -19.86 -21.12 -27.75
N GLU B 379 -19.92 -19.96 -28.39
CA GLU B 379 -21.12 -19.13 -28.27
C GLU B 379 -22.31 -19.75 -28.97
N GLY B 380 -22.06 -20.47 -30.06
CA GLY B 380 -23.12 -20.99 -30.92
C GLY B 380 -23.21 -22.50 -31.02
N SER B 381 -22.26 -23.22 -30.42
CA SER B 381 -22.22 -24.67 -30.53
C SER B 381 -21.55 -25.36 -29.34
N VAL B 382 -21.82 -26.66 -29.21
CA VAL B 382 -21.12 -27.53 -28.27
C VAL B 382 -20.38 -28.62 -29.05
N LEU B 383 -19.16 -28.93 -28.64
CA LEU B 383 -18.30 -29.85 -29.38
C LEU B 383 -17.81 -31.02 -28.55
N LEU B 384 -17.66 -32.16 -29.21
CA LEU B 384 -16.92 -33.28 -28.67
C LEU B 384 -15.68 -33.52 -29.53
N THR B 385 -14.51 -33.52 -28.90
CA THR B 385 -13.26 -33.70 -29.61
C THR B 385 -12.45 -34.78 -28.93
N ARG B 386 -12.12 -35.83 -29.67
CA ARG B 386 -11.24 -36.87 -29.14
C ARG B 386 -9.78 -36.49 -29.32
N LEU B 387 -8.99 -36.81 -28.30
CA LEU B 387 -7.54 -36.74 -28.41
C LEU B 387 -6.91 -38.04 -27.94
N MET B 388 -5.84 -38.45 -28.62
CA MET B 388 -5.10 -39.64 -28.24
C MET B 388 -3.68 -39.25 -27.84
N GLY B 389 -3.27 -39.67 -26.64
CA GLY B 389 -1.94 -39.36 -26.11
C GLY B 389 -1.80 -37.92 -25.63
#